data_8IW1
#
_entry.id   8IW1
#
_cell.length_a   1.00
_cell.length_b   1.00
_cell.length_c   1.00
_cell.angle_alpha   90.00
_cell.angle_beta   90.00
_cell.angle_gamma   90.00
#
_symmetry.space_group_name_H-M   'P 1'
#
loop_
_entity.id
_entity.type
_entity.pdbx_description
1 polymer 'Guanine nucleotide-binding protein G(i) subunit alpha-1,Guanine nucleotide-binding protein G(olf) subunit alpha'
2 polymer 'Guanine nucleotide-binding protein G(I)/G(S)/G(T) subunit beta-1'
3 polymer 'Guanine nucleotide-binding protein G(I)/G(S)/G(O) subunit gamma-2'
4 polymer 'Trace amine-associated receptor 9'
5 polymer scFv16
#
loop_
_entity_poly.entity_id
_entity_poly.type
_entity_poly.pdbx_seq_one_letter_code
_entity_poly.pdbx_strand_id
1 'polypeptide(L)'
;MGCTLSAEDKAAVERSKMIEKQLQKERLAYKATHRLLLLGADNSGKSTIVKQMRILHGGSGGSGGTSGIFETRFQVDKVN
FHMFDVGGQRDERRKWIQCFNDVTAIIYVADCSDYNMVIREDNNTNRLRESLDDFESIWNNRWLRTISIILFLNKQDMLA
EKVLAGKSKIEDYFPEYANYTVPEDATPDAGEDPKVTRAKFFIRDLFLRISTATGDGKHYCYPHFTCAVDTENARRIFND
CRDIIQRMHLKQYELL
;
A
2 'polypeptide(L)'
;MHHHHHHGSLLQSELDQLRQEAEQLKNQIRDARKACADATLSQITNNIDPVGRIQMRTRRTLRGHLAKIYAMHWGTDSRL
LVSASQDGKLIIWDSYTTNKVHAIPLRSSWVMTCAYAPSGNYVACGGLDNICSIYNLKTREGNVRVSRELAGHTGYLSCC
RFLDDNQIVTSSGDTTCALWDIETGQQTTTFTGHTGDVMSLSLAPDTRLFVSGACDASAKLWDVREGMCRQTFTGHESDI
NAICFFPNGNAFATGSDDATCRLFDLRADQELMTYSHDNIICGITSVSFSKSGRLLLAGYDDFNCNVWDALKADRAGVLA
GHDNRVSCLGVTDDGMAVATGSWDSFLKIWNGSSGGGGSGGGGSSGVSGWRLFKKIS
;
B
3 'polypeptide(L)' NTASIAQARKLVEQLKMEANIDRIKVSKAAADLMAYCEAHAKEDPLLTPVPASENPFRE C
4 'polypeptide(L)'
;MTSDFSPEPPMELCYENVNGSCIKSSYAPWPRAILYGVLGLGALLAVFGNLLVIIAILHFKQLHTPTNFLVASLACADFL
VGVTVMPFSTVRSVESCWYFGESYCKFHTCFDTSFCFASLFHLCCISIDRYIAVTDPLTYPTKFTVSVSGLCIALSWFFS
VTYSFSIFYTGANEEGIEELVVALTCVGGCQAPLNQNWVLLCFLLFFLPTVVMVFLYGRIFLVAKYQARKIEGTANQAQA
SSESYKERVAKRERKAAKTLGIAMAAFLVSWLPYIIDAVIDAYMNFITPAYVYEILVWCVYYNSAMNPLIYAFFYPWFRK
AIKLIVSGKVFRADSSTTNLFSEEAGAG
;
R
5 'polypeptide(L)'
;MLLVNQSHQGFNKEHTSKMVSAIVLYVLLAAAAHSAFAVQLVESGGGLVQPGGSRKLSCSASGFAFSSFGMHWVRQAPEK
GLEWVAYISSGSGTIYYADTVKGRFTISRDDPKNTLFLQMTSLRSEDTAMYYCVRSIYYYGSSPFDFWGQGTTLTVSAGG
GGSGGGGSGGGGSADIVMTQATSSVPVTPGESVSISCRSSKSLLHSNGNTYLYWFLQRPGQSPQLLIYRMSNLASGVPDR
FSGSGSGTAFTLTISRLEAEDVGVYYCMQHLEYPLTFGAGTKLEL
;
S
#
# COMPACT_ATOMS: atom_id res chain seq x y z
N THR A 4 13.61 24.99 -6.32
CA THR A 4 12.39 25.38 -7.02
C THR A 4 11.16 25.06 -6.16
N LEU A 5 11.41 24.64 -4.93
CA LEU A 5 10.35 24.42 -3.95
C LEU A 5 10.19 25.65 -3.07
N SER A 6 8.95 26.07 -2.86
CA SER A 6 8.68 27.24 -2.04
C SER A 6 8.89 26.94 -0.57
N ALA A 7 8.59 27.91 0.27
CA ALA A 7 8.69 27.71 1.72
C ALA A 7 7.58 26.83 2.27
N GLU A 8 6.54 26.56 1.48
CA GLU A 8 5.43 25.72 1.92
C GLU A 8 5.48 24.32 1.33
N ASP A 9 5.98 24.17 0.09
CA ASP A 9 6.11 22.85 -0.49
C ASP A 9 7.08 21.99 0.30
N LYS A 10 8.12 22.59 0.86
CA LYS A 10 9.07 21.83 1.68
C LYS A 10 8.38 21.24 2.90
N ALA A 11 7.53 22.02 3.56
CA ALA A 11 6.82 21.50 4.73
C ALA A 11 5.76 20.48 4.31
N ALA A 12 5.14 20.67 3.14
CA ALA A 12 4.21 19.66 2.62
C ALA A 12 4.92 18.32 2.43
N VAL A 13 6.10 18.34 1.80
CA VAL A 13 6.82 17.10 1.56
C VAL A 13 7.33 16.50 2.85
N GLU A 14 7.72 17.34 3.81
CA GLU A 14 8.12 16.83 5.12
C GLU A 14 6.97 16.12 5.81
N ARG A 15 5.76 16.68 5.72
CA ARG A 15 4.58 16.02 6.27
C ARG A 15 4.32 14.68 5.58
N SER A 16 4.45 14.66 4.24
CA SER A 16 4.24 13.41 3.51
C SER A 16 5.25 12.34 3.95
N LYS A 17 6.51 12.71 4.12
CA LYS A 17 7.52 11.75 4.56
C LYS A 17 7.27 11.28 5.98
N MET A 18 6.79 12.17 6.85
CA MET A 18 6.44 11.76 8.20
C MET A 18 5.28 10.78 8.21
N ILE A 19 4.37 10.90 7.24
CA ILE A 19 3.30 9.91 7.10
C ILE A 19 3.85 8.59 6.57
N GLU A 20 4.78 8.65 5.61
CA GLU A 20 5.37 7.43 5.06
C GLU A 20 6.12 6.64 6.13
N LYS A 21 6.66 7.30 7.13
CA LYS A 21 7.32 6.60 8.21
C LYS A 21 6.32 5.71 8.83
N GLN A 22 5.23 6.28 9.28
CA GLN A 22 4.22 5.49 9.96
C GLN A 22 3.71 4.36 9.07
N LEU A 23 3.55 4.63 7.78
CA LEU A 23 3.07 3.58 6.87
C LEU A 23 4.06 2.42 6.83
N GLN A 24 5.36 2.70 6.81
CA GLN A 24 6.35 1.63 6.85
C GLN A 24 6.34 0.90 8.19
N LYS A 25 6.12 1.64 9.29
CA LYS A 25 6.01 0.98 10.58
C LYS A 25 4.84 0.01 10.62
N GLU A 26 3.70 0.39 10.01
CA GLU A 26 2.57 -0.54 9.94
C GLU A 26 2.85 -1.72 9.01
N ARG A 27 3.57 -1.60 7.92
CA ARG A 27 3.79 -2.69 6.95
C ARG A 27 4.62 -3.76 7.50
N LEU A 28 5.44 -3.45 8.46
CA LEU A 28 6.25 -4.42 9.06
C LEU A 28 5.34 -5.19 9.89
N ALA A 29 4.68 -4.53 10.82
CA ALA A 29 3.88 -5.38 11.69
C ALA A 29 2.81 -6.17 10.94
N TYR A 30 2.45 -5.75 9.73
CA TYR A 30 1.45 -6.49 8.96
C TYR A 30 1.99 -7.79 8.38
N LYS A 31 3.31 -7.96 8.30
CA LYS A 31 3.87 -9.16 7.71
C LYS A 31 4.11 -10.27 8.71
N ALA A 32 4.14 -9.94 10.01
CA ALA A 32 4.38 -10.93 11.05
C ALA A 32 3.08 -11.45 11.67
N THR A 33 1.94 -11.15 11.07
CA THR A 33 0.65 -11.60 11.55
C THR A 33 0.06 -12.59 10.55
N HIS A 34 -0.59 -13.64 11.08
CA HIS A 34 -1.21 -14.66 10.25
C HIS A 34 -2.72 -14.62 10.46
N ARG A 35 -3.46 -14.58 9.35
CA ARG A 35 -4.90 -14.41 9.35
C ARG A 35 -5.58 -15.73 9.05
N LEU A 36 -6.68 -16.00 9.75
CA LEU A 36 -7.36 -17.29 9.69
C LEU A 36 -8.85 -17.09 9.48
N LEU A 37 -9.33 -17.44 8.28
CA LEU A 37 -10.77 -17.45 8.01
C LEU A 37 -11.42 -18.66 8.67
N LEU A 38 -12.56 -18.45 9.31
CA LEU A 38 -13.23 -19.51 10.06
C LEU A 38 -14.57 -19.82 9.38
N LEU A 39 -14.60 -20.89 8.59
CA LEU A 39 -15.85 -21.41 8.07
C LEU A 39 -16.50 -22.32 9.11
N GLY A 40 -17.65 -22.88 8.77
CA GLY A 40 -18.34 -23.76 9.68
C GLY A 40 -19.83 -23.81 9.38
N ALA A 41 -20.48 -24.82 9.95
CA ALA A 41 -21.91 -25.00 9.77
C ALA A 41 -22.68 -24.31 10.90
N ASP A 42 -24.01 -24.42 10.86
CA ASP A 42 -24.84 -23.73 11.83
C ASP A 42 -24.64 -24.31 13.22
N ASN A 43 -24.75 -25.63 13.35
CA ASN A 43 -24.71 -26.29 14.65
C ASN A 43 -23.30 -26.68 15.10
N SER A 44 -22.29 -26.37 14.31
CA SER A 44 -20.92 -26.68 14.69
C SER A 44 -20.52 -25.92 15.96
N GLY A 45 -19.77 -26.60 16.83
CA GLY A 45 -19.40 -26.01 18.10
C GLY A 45 -18.27 -25.00 18.01
N LYS A 46 -18.38 -24.05 17.07
CA LYS A 46 -17.36 -23.02 16.92
C LYS A 46 -17.34 -22.06 18.10
N SER A 47 -18.48 -21.89 18.77
CA SER A 47 -18.55 -20.94 19.88
C SER A 47 -17.59 -21.30 21.00
N THR A 48 -17.55 -22.58 21.38
CA THR A 48 -16.65 -23.01 22.45
C THR A 48 -15.20 -22.78 22.07
N ILE A 49 -14.84 -23.10 20.81
CA ILE A 49 -13.47 -22.94 20.37
C ILE A 49 -13.06 -21.47 20.38
N VAL A 50 -13.92 -20.60 19.84
CA VAL A 50 -13.58 -19.18 19.78
C VAL A 50 -13.61 -18.54 21.16
N LYS A 51 -14.37 -19.11 22.10
CA LYS A 51 -14.29 -18.63 23.48
C LYS A 51 -12.98 -19.06 24.13
N GLN A 52 -12.58 -20.31 23.94
CA GLN A 52 -11.37 -20.81 24.57
C GLN A 52 -10.11 -20.24 23.95
N MET A 53 -10.17 -19.75 22.72
CA MET A 53 -8.99 -19.08 22.15
C MET A 53 -8.94 -17.60 22.51
N ARG A 54 -10.09 -16.94 22.58
CA ARG A 54 -10.14 -15.53 22.96
C ARG A 54 -9.67 -15.34 24.41
N GLY A 68 -21.72 -8.54 12.45
CA GLY A 68 -21.20 -9.28 11.33
C GLY A 68 -19.85 -9.92 11.61
N ILE A 69 -18.79 -9.16 11.40
CA ILE A 69 -17.44 -9.66 11.64
C ILE A 69 -17.35 -10.11 13.09
N PHE A 70 -16.90 -11.35 13.29
CA PHE A 70 -16.61 -11.87 14.63
C PHE A 70 -15.12 -12.16 14.71
N GLU A 71 -14.45 -11.58 15.69
CA GLU A 71 -13.01 -11.49 15.73
C GLU A 71 -12.42 -12.32 16.87
N THR A 72 -11.16 -12.70 16.69
CA THR A 72 -10.36 -13.41 17.67
C THR A 72 -8.92 -12.95 17.52
N ARG A 73 -8.31 -12.52 18.62
CA ARG A 73 -6.99 -11.91 18.61
C ARG A 73 -5.98 -12.71 19.43
N PHE A 74 -6.14 -14.03 19.48
CA PHE A 74 -5.28 -14.86 20.31
C PHE A 74 -3.84 -14.85 19.80
N GLN A 75 -2.91 -15.05 20.73
CA GLN A 75 -1.49 -15.17 20.40
C GLN A 75 -0.91 -16.37 21.13
N VAL A 76 0.16 -16.92 20.57
CA VAL A 76 0.80 -18.11 21.14
C VAL A 76 2.29 -18.07 20.82
N ASP A 77 3.11 -18.30 21.84
CA ASP A 77 4.56 -18.35 21.73
C ASP A 77 5.12 -17.11 21.02
N LYS A 78 4.74 -15.93 21.54
CA LYS A 78 5.22 -14.64 21.06
C LYS A 78 4.87 -14.39 19.59
N VAL A 79 3.91 -15.14 19.05
CA VAL A 79 3.39 -14.90 17.71
C VAL A 79 1.89 -14.69 17.83
N ASN A 80 1.36 -13.74 17.06
CA ASN A 80 -0.03 -13.35 17.14
C ASN A 80 -0.77 -13.74 15.87
N PHE A 81 -2.00 -14.29 16.00
CA PHE A 81 -2.83 -14.63 14.83
C PHE A 81 -4.15 -13.93 15.01
N HIS A 82 -4.87 -13.64 13.94
CA HIS A 82 -6.19 -13.00 14.04
C HIS A 82 -7.27 -13.81 13.40
N MET A 83 -8.24 -14.32 14.16
CA MET A 83 -9.21 -15.22 13.55
C MET A 83 -10.47 -14.51 13.26
N PHE A 84 -11.03 -14.75 12.09
CA PHE A 84 -12.29 -14.06 11.88
C PHE A 84 -13.32 -14.95 11.21
N ASP A 85 -14.55 -14.83 11.73
CA ASP A 85 -15.69 -15.56 11.22
C ASP A 85 -16.44 -14.58 10.39
N VAL A 86 -17.22 -15.03 9.42
CA VAL A 86 -18.05 -14.10 8.63
C VAL A 86 -19.52 -14.25 9.01
N GLY A 87 -20.41 -13.34 8.58
CA GLY A 87 -21.80 -13.54 8.89
C GLY A 87 -22.06 -13.60 10.38
N ARG A 93 -22.31 -16.63 0.40
CA ARG A 93 -20.88 -16.92 0.47
C ARG A 93 -20.21 -16.82 -0.88
N ARG A 94 -20.97 -16.99 -1.96
CA ARG A 94 -20.43 -16.89 -3.31
C ARG A 94 -19.85 -15.50 -3.61
N LYS A 95 -20.23 -14.48 -2.86
CA LYS A 95 -19.80 -13.12 -3.19
C LYS A 95 -18.59 -12.64 -2.40
N TRP A 96 -18.55 -12.88 -1.09
CA TRP A 96 -17.49 -12.33 -0.24
C TRP A 96 -16.32 -13.30 -0.03
N ILE A 97 -16.30 -14.43 -0.74
CA ILE A 97 -15.15 -15.31 -0.65
C ILE A 97 -13.94 -14.73 -1.38
N GLN A 98 -14.18 -13.86 -2.37
CA GLN A 98 -13.09 -13.21 -3.07
C GLN A 98 -12.15 -12.47 -2.13
N CYS A 99 -12.69 -11.91 -1.05
CA CYS A 99 -11.85 -11.18 -0.09
C CYS A 99 -10.83 -12.10 0.57
N PHE A 100 -11.26 -13.30 0.97
CA PHE A 100 -10.47 -14.15 1.87
C PHE A 100 -9.65 -15.13 1.03
N ASN A 101 -8.51 -14.67 0.53
CA ASN A 101 -7.56 -15.57 -0.09
C ASN A 101 -6.12 -15.29 0.31
N ASP A 102 -5.86 -14.27 1.12
CA ASP A 102 -4.55 -14.00 1.67
C ASP A 102 -4.35 -14.61 3.05
N VAL A 103 -5.33 -15.38 3.54
CA VAL A 103 -5.19 -16.02 4.84
C VAL A 103 -4.18 -17.16 4.76
N THR A 104 -3.62 -17.51 5.93
CA THR A 104 -2.68 -18.61 5.99
C THR A 104 -3.38 -19.95 5.79
N ALA A 105 -4.48 -20.17 6.50
CA ALA A 105 -5.24 -21.41 6.38
C ALA A 105 -6.62 -21.22 6.97
N ILE A 106 -7.48 -22.24 6.85
CA ILE A 106 -8.84 -22.14 7.38
C ILE A 106 -9.12 -23.27 8.36
N ILE A 107 -9.67 -22.92 9.53
CA ILE A 107 -10.01 -23.94 10.52
C ILE A 107 -11.45 -24.37 10.32
N TYR A 108 -11.66 -25.35 9.45
CA TYR A 108 -13.01 -25.85 9.20
C TYR A 108 -13.46 -26.73 10.35
N VAL A 109 -14.69 -26.51 10.81
CA VAL A 109 -15.28 -27.29 11.89
C VAL A 109 -16.50 -28.00 11.34
N ALA A 110 -16.58 -29.31 11.58
CA ALA A 110 -17.72 -30.12 11.18
C ALA A 110 -18.16 -30.99 12.34
N ASP A 111 -19.46 -31.25 12.41
CA ASP A 111 -20.01 -32.06 13.49
C ASP A 111 -19.80 -33.54 13.20
N CYS A 112 -19.57 -34.31 14.26
CA CYS A 112 -19.27 -35.73 14.11
C CYS A 112 -20.30 -36.63 14.78
N SER A 113 -20.60 -36.42 16.06
CA SER A 113 -21.38 -37.38 16.83
C SER A 113 -22.88 -37.13 16.70
N ASP A 114 -23.33 -36.94 15.47
CA ASP A 114 -24.75 -36.94 15.09
C ASP A 114 -24.82 -36.78 13.59
N TYR A 115 -25.75 -37.48 12.95
CA TYR A 115 -26.02 -37.20 11.55
C TYR A 115 -26.57 -35.79 11.39
N LEU A 128 -24.50 -35.07 7.55
CA LEU A 128 -23.16 -35.51 7.19
C LEU A 128 -22.95 -35.51 5.68
N ARG A 129 -24.04 -35.74 4.98
CA ARG A 129 -23.99 -35.73 3.56
C ARG A 129 -24.03 -34.33 3.06
N GLU A 130 -24.54 -33.45 3.91
CA GLU A 130 -24.55 -32.05 3.79
C GLU A 130 -23.12 -31.55 3.94
N SER A 131 -22.60 -31.85 5.12
CA SER A 131 -21.26 -31.40 5.51
C SER A 131 -20.22 -31.85 4.49
N LEU A 132 -20.34 -33.07 3.97
CA LEU A 132 -19.39 -33.56 2.98
C LEU A 132 -19.45 -32.76 1.70
N ASP A 133 -20.67 -32.31 1.40
CA ASP A 133 -20.96 -31.57 0.22
C ASP A 133 -20.30 -30.27 0.29
N ASP A 134 -20.52 -29.65 1.43
CA ASP A 134 -19.96 -28.35 1.76
C ASP A 134 -18.43 -28.38 1.75
N PHE A 135 -17.85 -29.43 2.33
CA PHE A 135 -16.40 -29.58 2.32
C PHE A 135 -15.87 -29.68 0.90
N GLU A 136 -16.66 -30.29 0.06
CA GLU A 136 -16.32 -30.56 -1.32
C GLU A 136 -16.47 -29.39 -2.24
N SER A 137 -17.31 -28.49 -1.85
CA SER A 137 -17.48 -27.20 -2.52
C SER A 137 -16.42 -26.20 -2.09
N ILE A 138 -16.10 -26.19 -0.79
CA ILE A 138 -15.07 -25.27 -0.29
C ILE A 138 -13.69 -25.68 -0.82
N TRP A 139 -13.39 -26.97 -0.82
CA TRP A 139 -12.08 -27.45 -1.23
C TRP A 139 -11.78 -27.16 -2.70
N ASN A 140 -12.81 -26.87 -3.50
CA ASN A 140 -12.64 -26.66 -4.94
C ASN A 140 -12.91 -25.22 -5.38
N ASN A 141 -13.11 -24.31 -4.43
CA ASN A 141 -13.43 -22.93 -4.79
C ASN A 141 -12.26 -22.25 -5.49
N ARG A 142 -12.57 -21.39 -6.46
CA ARG A 142 -11.52 -20.75 -7.24
C ARG A 142 -10.73 -19.74 -6.40
N TRP A 143 -11.41 -18.97 -5.55
CA TRP A 143 -10.75 -17.99 -4.70
C TRP A 143 -10.24 -18.59 -3.41
N LEU A 144 -10.43 -19.89 -3.20
CA LEU A 144 -9.94 -20.54 -1.99
C LEU A 144 -8.98 -21.67 -2.32
N ARG A 145 -8.54 -21.77 -3.57
CA ARG A 145 -7.49 -22.71 -3.94
C ARG A 145 -6.16 -22.29 -3.33
N THR A 146 -5.19 -23.19 -3.38
CA THR A 146 -3.81 -22.92 -2.97
C THR A 146 -3.74 -22.54 -1.49
N ILE A 147 -4.72 -22.96 -0.70
CA ILE A 147 -4.76 -22.70 0.73
C ILE A 147 -5.04 -24.02 1.44
N SER A 148 -4.19 -24.36 2.40
CA SER A 148 -4.38 -25.58 3.17
C SER A 148 -5.57 -25.45 4.10
N ILE A 149 -6.17 -26.59 4.44
CA ILE A 149 -7.36 -26.62 5.28
C ILE A 149 -7.04 -27.42 6.54
N ILE A 150 -7.30 -26.81 7.68
CA ILE A 150 -7.34 -27.54 8.95
C ILE A 150 -8.76 -27.99 9.17
N LEU A 151 -8.95 -29.19 9.71
CA LEU A 151 -10.27 -29.80 9.79
C LEU A 151 -10.45 -30.41 11.18
N PHE A 152 -11.20 -29.71 12.03
CA PHE A 152 -11.55 -30.23 13.34
C PHE A 152 -12.83 -31.06 13.21
N LEU A 153 -12.77 -32.33 13.63
CA LEU A 153 -13.96 -33.12 13.82
C LEU A 153 -14.36 -32.94 15.27
N ASN A 154 -15.40 -32.15 15.48
CA ASN A 154 -15.72 -31.63 16.80
C ASN A 154 -16.70 -32.54 17.54
N LYS A 155 -16.65 -32.47 18.87
CA LYS A 155 -17.57 -33.20 19.75
C LYS A 155 -17.40 -34.71 19.60
N GLN A 156 -16.23 -35.23 19.78
CA GLN A 156 -16.13 -36.66 19.71
C GLN A 156 -16.59 -37.22 21.06
N ASP A 157 -16.51 -36.42 22.11
CA ASP A 157 -16.85 -36.94 23.42
C ASP A 157 -18.23 -37.60 23.41
N MET A 158 -19.18 -37.01 22.68
CA MET A 158 -20.52 -37.58 22.61
C MET A 158 -20.64 -38.71 21.61
N LEU A 159 -19.60 -38.96 20.81
CA LEU A 159 -19.59 -40.15 19.96
C LEU A 159 -19.28 -41.41 20.76
N ALA A 160 -18.54 -41.28 21.86
CA ALA A 160 -18.22 -42.44 22.69
C ALA A 160 -19.46 -43.03 23.32
N GLU A 161 -20.35 -42.17 23.78
CA GLU A 161 -21.57 -42.64 24.38
C GLU A 161 -22.53 -43.07 23.35
N LYS A 162 -22.60 -42.34 22.26
CA LYS A 162 -23.58 -42.67 21.21
C LYS A 162 -23.44 -44.11 20.76
N VAL A 163 -22.20 -44.58 20.59
CA VAL A 163 -21.96 -45.99 20.26
C VAL A 163 -22.01 -46.88 21.49
N LEU A 164 -21.96 -46.29 22.68
CA LEU A 164 -22.10 -47.07 23.91
C LEU A 164 -23.54 -47.48 24.18
N ALA A 165 -24.51 -46.76 23.61
CA ALA A 165 -25.92 -47.04 23.80
C ALA A 165 -26.47 -48.08 22.83
N GLY A 166 -25.63 -48.61 21.94
CA GLY A 166 -26.10 -49.61 20.99
C GLY A 166 -27.10 -49.01 20.01
N LYS A 167 -28.20 -49.71 19.81
CA LYS A 167 -29.29 -49.29 18.90
C LYS A 167 -28.69 -49.17 17.50
N SER A 168 -29.09 -48.18 16.72
CA SER A 168 -28.50 -47.90 15.41
C SER A 168 -27.73 -46.59 15.53
N LYS A 169 -26.41 -46.69 15.60
CA LYS A 169 -25.60 -45.51 15.90
C LYS A 169 -25.38 -44.66 14.65
N ILE A 170 -24.67 -45.20 13.66
CA ILE A 170 -24.28 -44.43 12.49
C ILE A 170 -24.48 -45.22 11.20
N GLU A 171 -24.74 -46.52 11.32
CA GLU A 171 -24.70 -47.41 10.16
C GLU A 171 -25.92 -47.30 9.26
N ASP A 172 -27.01 -46.70 9.74
CA ASP A 172 -28.24 -46.68 8.93
C ASP A 172 -28.11 -45.78 7.71
N TYR A 173 -27.24 -44.77 7.78
CA TYR A 173 -27.13 -43.80 6.70
C TYR A 173 -26.01 -44.13 5.72
N PHE A 174 -24.93 -44.73 6.20
CA PHE A 174 -23.84 -45.20 5.33
C PHE A 174 -23.65 -46.69 5.58
N PRO A 175 -24.26 -47.56 4.78
CA PRO A 175 -24.15 -49.00 5.03
C PRO A 175 -22.77 -49.56 4.68
N GLU A 176 -21.73 -49.02 5.31
CA GLU A 176 -20.38 -49.53 5.10
C GLU A 176 -19.57 -49.61 6.39
N TYR A 177 -20.15 -49.33 7.55
CA TYR A 177 -19.40 -49.32 8.79
C TYR A 177 -19.12 -50.73 9.20
N ALA A 178 -20.07 -51.64 8.94
CA ALA A 178 -19.89 -53.05 9.28
C ALA A 178 -18.87 -53.73 8.37
N ASN A 179 -18.73 -53.21 7.16
CA ASN A 179 -17.85 -53.70 6.10
C ASN A 179 -16.43 -53.03 6.03
N TYR A 180 -16.23 -51.90 6.68
CA TYR A 180 -14.94 -51.23 6.80
C TYR A 180 -14.20 -51.71 8.04
N THR A 181 -12.92 -52.05 7.88
CA THR A 181 -12.10 -52.52 8.98
C THR A 181 -10.82 -51.70 9.04
N VAL A 182 -10.48 -51.20 10.22
CA VAL A 182 -9.27 -50.41 10.41
C VAL A 182 -8.06 -51.34 10.34
N PRO A 183 -6.92 -50.86 9.84
CA PRO A 183 -5.72 -51.69 9.82
C PRO A 183 -5.05 -51.69 11.19
N GLU A 184 -3.90 -52.38 11.26
CA GLU A 184 -3.17 -52.49 12.52
C GLU A 184 -2.40 -51.23 12.87
N ASP A 185 -2.26 -50.29 11.93
CA ASP A 185 -1.53 -49.05 12.17
C ASP A 185 -2.37 -47.98 12.85
N ALA A 186 -3.52 -48.34 13.45
CA ALA A 186 -4.40 -47.34 14.03
C ALA A 186 -3.73 -46.59 15.17
N THR A 187 -3.12 -47.33 16.10
CA THR A 187 -2.50 -46.77 17.30
C THR A 187 -3.45 -45.82 18.02
N PRO A 188 -4.57 -46.33 18.56
CA PRO A 188 -5.52 -45.44 19.25
C PRO A 188 -4.88 -44.77 20.47
N ASP A 189 -5.27 -43.52 20.70
CA ASP A 189 -4.74 -42.78 21.84
C ASP A 189 -5.15 -43.42 23.16
N ALA A 190 -6.41 -43.85 23.27
CA ALA A 190 -6.93 -44.46 24.48
C ALA A 190 -7.29 -45.93 24.30
N GLY A 191 -7.89 -46.28 23.17
CA GLY A 191 -8.29 -47.67 22.94
C GLY A 191 -9.38 -48.14 23.87
N GLU A 192 -10.34 -47.27 24.19
CA GLU A 192 -11.40 -47.66 25.11
C GLU A 192 -12.42 -48.58 24.46
N ASP A 193 -12.61 -48.46 23.15
CA ASP A 193 -13.57 -49.29 22.43
C ASP A 193 -13.21 -49.35 20.96
N PRO A 194 -13.01 -50.55 20.40
CA PRO A 194 -12.77 -50.64 18.95
C PRO A 194 -13.93 -50.11 18.12
N LYS A 195 -15.18 -50.22 18.62
CA LYS A 195 -16.33 -49.76 17.87
C LYS A 195 -16.23 -48.28 17.55
N VAL A 196 -15.95 -47.46 18.56
CA VAL A 196 -15.79 -46.03 18.34
C VAL A 196 -14.57 -45.76 17.47
N THR A 197 -13.57 -46.65 17.48
CA THR A 197 -12.42 -46.49 16.62
C THR A 197 -12.81 -46.63 15.15
N ARG A 198 -13.57 -47.66 14.82
CA ARG A 198 -14.06 -47.79 13.44
C ARG A 198 -14.97 -46.63 13.08
N ALA A 199 -15.82 -46.20 14.01
CA ALA A 199 -16.73 -45.08 13.73
C ALA A 199 -15.94 -43.81 13.41
N LYS A 200 -14.91 -43.52 14.20
CA LYS A 200 -14.07 -42.35 13.94
C LYS A 200 -13.37 -42.48 12.59
N PHE A 201 -12.74 -43.64 12.36
CA PHE A 201 -11.87 -43.77 11.21
C PHE A 201 -12.63 -43.82 9.89
N PHE A 202 -13.88 -44.28 9.87
CA PHE A 202 -14.61 -44.29 8.60
C PHE A 202 -14.89 -42.86 8.13
N ILE A 203 -15.38 -42.00 9.03
CA ILE A 203 -15.66 -40.62 8.64
C ILE A 203 -14.36 -39.86 8.37
N ARG A 204 -13.30 -40.15 9.14
CA ARG A 204 -12.02 -39.53 8.85
C ARG A 204 -11.51 -39.94 7.47
N ASP A 205 -11.71 -41.21 7.10
CA ASP A 205 -11.32 -41.68 5.78
C ASP A 205 -12.15 -41.02 4.69
N LEU A 206 -13.45 -40.81 4.95
CA LEU A 206 -14.29 -40.11 3.98
C LEU A 206 -13.74 -38.72 3.72
N PHE A 207 -13.47 -37.96 4.79
CA PHE A 207 -12.94 -36.61 4.62
C PHE A 207 -11.57 -36.63 3.94
N LEU A 208 -10.70 -37.55 4.34
CA LEU A 208 -9.36 -37.61 3.76
C LEU A 208 -9.41 -37.99 2.29
N ARG A 209 -10.32 -38.90 1.95
CA ARG A 209 -10.49 -39.30 0.57
C ARG A 209 -10.91 -38.11 -0.25
N ILE A 210 -11.97 -37.43 0.20
CA ILE A 210 -12.48 -36.29 -0.57
C ILE A 210 -11.40 -35.22 -0.69
N SER A 211 -10.50 -35.14 0.30
CA SER A 211 -9.41 -34.18 0.23
C SER A 211 -8.39 -34.58 -0.84
N THR A 212 -7.96 -35.84 -0.85
CA THR A 212 -6.92 -36.28 -1.79
C THR A 212 -7.46 -36.70 -3.14
N ALA A 213 -8.73 -36.68 -3.42
CA ALA A 213 -9.18 -37.10 -4.74
C ALA A 213 -8.94 -36.11 -5.87
N THR A 214 -8.34 -34.98 -5.56
CA THR A 214 -8.05 -33.92 -6.51
C THR A 214 -7.20 -32.84 -5.89
N GLY A 215 -6.74 -31.91 -6.70
CA GLY A 215 -5.91 -30.81 -6.25
C GLY A 215 -4.43 -30.77 -6.60
N ASP A 216 -3.91 -31.84 -7.20
CA ASP A 216 -2.53 -31.88 -7.66
C ASP A 216 -1.46 -31.53 -6.66
N GLY A 217 -1.57 -32.03 -5.44
CA GLY A 217 -0.63 -31.68 -4.39
C GLY A 217 -0.59 -30.20 -4.06
N LYS A 218 -1.62 -29.46 -4.46
CA LYS A 218 -1.64 -28.02 -4.25
C LYS A 218 -1.66 -27.64 -2.78
N HIS A 219 -2.61 -28.18 -2.02
CA HIS A 219 -2.72 -27.89 -0.60
C HIS A 219 -2.95 -29.18 0.17
N TYR A 220 -2.99 -29.12 1.49
CA TYR A 220 -3.11 -30.36 2.25
C TYR A 220 -4.09 -30.18 3.40
N CYS A 221 -4.83 -31.23 3.71
CA CYS A 221 -5.76 -31.24 4.82
C CYS A 221 -5.07 -31.75 6.08
N TYR A 222 -5.37 -31.11 7.21
CA TYR A 222 -4.85 -31.53 8.51
C TYR A 222 -6.02 -31.86 9.43
N PRO A 223 -6.37 -33.13 9.59
CA PRO A 223 -7.51 -33.48 10.43
C PRO A 223 -7.14 -33.62 11.90
N HIS A 224 -8.12 -33.38 12.75
CA HIS A 224 -7.96 -33.55 14.20
C HIS A 224 -9.28 -34.01 14.79
N PHE A 225 -9.20 -34.69 15.93
CA PHE A 225 -10.37 -35.09 16.71
C PHE A 225 -10.41 -34.22 17.95
N THR A 226 -11.40 -33.32 18.03
CA THR A 226 -11.49 -32.39 19.15
C THR A 226 -12.91 -32.39 19.70
N CYS A 227 -13.03 -31.93 20.94
CA CYS A 227 -14.32 -31.86 21.63
C CYS A 227 -14.59 -30.42 22.04
N ALA A 228 -15.49 -30.27 22.99
CA ALA A 228 -15.78 -28.96 23.48
C ALA A 228 -14.92 -28.72 24.68
N VAL A 229 -14.90 -29.66 25.58
CA VAL A 229 -14.17 -29.48 26.80
C VAL A 229 -12.69 -29.31 26.73
N ASP A 230 -12.00 -30.06 25.84
CA ASP A 230 -10.53 -30.04 25.79
C ASP A 230 -9.89 -28.70 25.55
N THR A 231 -8.88 -28.48 26.36
CA THR A 231 -8.15 -27.24 26.44
C THR A 231 -7.46 -26.68 25.19
N GLU A 232 -6.56 -27.43 24.58
CA GLU A 232 -5.63 -26.85 23.61
C GLU A 232 -5.81 -27.11 22.15
N ASN A 233 -6.58 -26.31 21.46
CA ASN A 233 -6.64 -26.53 20.05
C ASN A 233 -5.86 -25.40 19.50
N ALA A 234 -5.09 -24.78 20.36
CA ALA A 234 -4.28 -23.68 19.95
C ALA A 234 -2.93 -24.18 19.56
N ARG A 235 -2.24 -24.89 20.41
CA ARG A 235 -1.00 -25.40 19.95
C ARG A 235 -1.29 -26.03 18.63
N ARG A 236 -2.28 -26.90 18.55
CA ARG A 236 -2.44 -27.57 17.26
C ARG A 236 -2.37 -26.59 16.10
N ILE A 237 -3.06 -25.44 16.22
CA ILE A 237 -2.98 -24.43 15.17
C ILE A 237 -1.58 -23.84 15.08
N PHE A 238 -0.85 -23.79 16.20
CA PHE A 238 0.51 -23.27 16.19
C PHE A 238 1.45 -24.22 15.46
N ASN A 239 1.36 -25.53 15.75
CA ASN A 239 2.21 -26.50 15.07
C ASN A 239 1.84 -26.62 13.60
N ASP A 240 0.55 -26.56 13.28
CA ASP A 240 0.15 -26.34 11.90
C ASP A 240 0.52 -24.92 11.51
N CYS A 241 0.59 -24.68 10.20
CA CYS A 241 0.97 -23.40 9.61
C CYS A 241 2.37 -23.00 10.06
N ARG A 242 3.02 -23.84 10.87
CA ARG A 242 4.46 -23.87 11.01
C ARG A 242 5.07 -24.85 10.02
N ASP A 243 4.26 -25.78 9.51
CA ASP A 243 4.67 -26.68 8.45
C ASP A 243 4.39 -26.11 7.07
N ILE A 244 3.30 -25.36 6.89
CA ILE A 244 2.94 -24.82 5.58
C ILE A 244 3.93 -23.76 5.12
N ILE A 245 4.26 -22.82 6.00
CA ILE A 245 5.21 -21.77 5.63
C ILE A 245 6.61 -22.35 5.48
N GLN A 246 6.97 -23.34 6.30
CA GLN A 246 8.25 -24.01 6.13
C GLN A 246 8.32 -24.71 4.78
N ARG A 247 7.24 -25.37 4.38
CA ARG A 247 7.20 -26.04 3.08
C ARG A 247 7.33 -25.06 1.93
N MET A 248 6.74 -23.87 2.10
CA MET A 248 6.80 -22.85 1.06
C MET A 248 8.19 -22.39 0.96
N HIS A 249 8.76 -22.12 2.11
CA HIS A 249 10.15 -21.69 2.18
C HIS A 249 11.05 -22.67 1.45
N LEU A 250 10.89 -23.96 1.72
CA LEU A 250 11.72 -24.97 1.06
C LEU A 250 11.51 -24.98 -0.44
N LYS A 251 10.26 -24.84 -0.90
CA LYS A 251 10.02 -24.74 -2.34
C LYS A 251 10.64 -23.48 -2.94
N GLN A 252 10.76 -22.41 -2.20
CA GLN A 252 11.32 -21.24 -2.86
C GLN A 252 12.78 -21.43 -3.00
N TYR A 253 13.44 -21.90 -1.94
CA TYR A 253 14.89 -22.01 -1.98
C TYR A 253 15.38 -23.11 -2.90
N GLU A 254 14.49 -23.75 -3.66
CA GLU A 254 14.86 -24.69 -4.72
C GLU A 254 15.50 -25.96 -4.18
N LEU A 255 14.90 -26.56 -3.15
CA LEU A 255 15.40 -27.83 -2.61
C LEU A 255 14.25 -28.77 -2.31
N LEU A 256 13.15 -28.64 -3.05
CA LEU A 256 11.96 -29.46 -2.83
C LEU A 256 11.10 -29.50 -4.10
N ARG B 19 -51.42 -14.67 -12.44
CA ARG B 19 -50.27 -15.16 -13.18
C ARG B 19 -50.50 -15.05 -14.69
N GLN B 20 -51.69 -15.44 -15.15
CA GLN B 20 -52.00 -15.31 -16.57
C GLN B 20 -52.04 -13.85 -17.00
N GLU B 21 -52.60 -12.98 -16.16
CA GLU B 21 -52.62 -11.55 -16.47
C GLU B 21 -51.20 -11.00 -16.58
N ALA B 22 -50.32 -11.41 -15.65
CA ALA B 22 -48.93 -10.94 -15.70
C ALA B 22 -48.22 -11.45 -16.95
N GLU B 23 -48.47 -12.70 -17.33
CA GLU B 23 -47.84 -13.22 -18.55
C GLU B 23 -48.36 -12.50 -19.79
N GLN B 24 -49.65 -12.21 -19.75
CA GLN B 24 -50.36 -11.50 -20.80
C GLN B 24 -49.59 -10.26 -21.09
N LEU B 25 -49.30 -9.52 -20.04
CA LEU B 25 -48.51 -8.33 -20.19
C LEU B 25 -47.10 -8.68 -20.62
N LYS B 26 -46.56 -9.74 -20.04
CA LYS B 26 -45.18 -10.10 -20.35
C LYS B 26 -45.01 -10.41 -21.81
N ASN B 27 -45.95 -11.16 -22.38
CA ASN B 27 -45.86 -11.44 -23.80
C ASN B 27 -46.06 -10.14 -24.57
N GLN B 28 -47.04 -9.37 -24.12
CA GLN B 28 -47.38 -8.10 -24.76
C GLN B 28 -46.35 -6.97 -24.68
N ILE B 29 -45.66 -6.81 -23.55
CA ILE B 29 -44.62 -5.79 -23.43
C ILE B 29 -43.49 -6.14 -24.36
N ARG B 30 -43.09 -7.39 -24.32
CA ARG B 30 -42.07 -7.82 -25.25
C ARG B 30 -42.60 -7.52 -26.62
N ASP B 31 -43.78 -8.03 -26.94
CA ASP B 31 -44.33 -7.78 -28.25
C ASP B 31 -44.33 -6.26 -28.50
N ALA B 32 -44.67 -5.44 -27.48
CA ALA B 32 -44.70 -3.99 -27.68
C ALA B 32 -43.35 -3.45 -28.04
N ARG B 33 -42.35 -3.91 -27.32
CA ARG B 33 -40.99 -3.44 -27.52
C ARG B 33 -40.45 -3.76 -28.90
N LYS B 34 -40.71 -4.95 -29.40
CA LYS B 34 -40.17 -5.34 -30.68
C LYS B 34 -40.56 -4.29 -31.64
N ALA B 35 -41.77 -3.83 -31.51
CA ALA B 35 -42.29 -2.83 -32.44
C ALA B 35 -41.46 -1.56 -32.41
N CYS B 36 -40.96 -1.18 -31.24
CA CYS B 36 -40.22 0.07 -31.11
C CYS B 36 -38.93 0.07 -31.95
N ALA B 37 -38.24 -1.06 -31.98
CA ALA B 37 -36.97 -1.13 -32.69
C ALA B 37 -37.18 -0.94 -34.19
N ASP B 38 -36.28 -0.17 -34.81
CA ASP B 38 -36.37 0.07 -36.24
C ASP B 38 -35.02 -0.17 -36.92
N ALA B 39 -33.93 0.00 -36.18
CA ALA B 39 -32.59 -0.19 -36.72
C ALA B 39 -31.64 -0.50 -35.58
N THR B 40 -30.46 -1.01 -35.94
CA THR B 40 -29.42 -1.30 -34.98
C THR B 40 -28.48 -0.10 -34.87
N LEU B 41 -27.35 -0.27 -34.18
CA LEU B 41 -26.39 0.80 -34.00
C LEU B 41 -25.21 0.72 -34.96
N SER B 42 -24.78 -0.48 -35.32
CA SER B 42 -23.62 -0.63 -36.21
C SER B 42 -23.89 -0.01 -37.57
N GLN B 43 -25.09 -0.22 -38.12
CA GLN B 43 -25.40 0.26 -39.46
C GLN B 43 -25.36 1.78 -39.53
N ILE B 44 -25.92 2.45 -38.52
CA ILE B 44 -25.99 3.92 -38.54
C ILE B 44 -24.59 4.51 -38.35
N THR B 45 -23.81 3.97 -37.43
CA THR B 45 -22.51 4.52 -37.08
C THR B 45 -21.38 3.97 -37.93
N ASN B 46 -21.69 3.39 -39.09
CA ASN B 46 -20.63 2.93 -39.99
C ASN B 46 -19.76 4.10 -40.46
N ASN B 47 -20.38 5.21 -40.84
CA ASN B 47 -19.65 6.35 -41.35
C ASN B 47 -18.76 7.00 -40.30
N ILE B 48 -18.99 6.73 -39.03
CA ILE B 48 -18.16 7.29 -37.97
C ILE B 48 -16.78 6.64 -38.04
N ASP B 49 -15.78 7.43 -38.39
CA ASP B 49 -14.43 6.90 -38.54
C ASP B 49 -13.93 6.38 -37.20
N PRO B 50 -13.22 5.25 -37.18
CA PRO B 50 -12.72 4.71 -35.91
C PRO B 50 -11.75 5.67 -35.24
N VAL B 51 -11.76 5.64 -33.91
CA VAL B 51 -10.82 6.47 -33.15
C VAL B 51 -9.39 6.06 -33.45
N GLY B 52 -9.13 4.76 -33.50
CA GLY B 52 -7.81 4.24 -33.76
C GLY B 52 -7.19 3.61 -32.53
N ARG B 53 -5.86 3.61 -32.52
CA ARG B 53 -5.10 3.12 -31.37
C ARG B 53 -4.83 4.25 -30.40
N ILE B 54 -4.97 3.97 -29.12
CA ILE B 54 -4.83 4.97 -28.06
C ILE B 54 -3.75 4.50 -27.11
N GLN B 55 -2.83 5.40 -26.76
CA GLN B 55 -1.72 5.10 -25.88
C GLN B 55 -1.76 6.00 -24.65
N MET B 56 -1.71 5.40 -23.48
CA MET B 56 -1.54 6.11 -22.23
C MET B 56 -0.38 5.50 -21.45
N ARG B 57 0.35 6.35 -20.74
CA ARG B 57 1.54 5.95 -20.01
C ARG B 57 1.41 6.38 -18.55
N THR B 58 1.91 5.54 -17.65
CA THR B 58 1.91 5.87 -16.24
C THR B 58 2.67 7.17 -16.00
N ARG B 59 2.10 8.05 -15.19
CA ARG B 59 2.76 9.27 -14.78
C ARG B 59 3.07 9.33 -13.30
N ARG B 60 2.25 8.69 -12.47
CA ARG B 60 2.52 8.57 -11.04
C ARG B 60 2.26 7.13 -10.63
N THR B 61 2.86 6.74 -9.51
CA THR B 61 2.63 5.42 -8.93
C THR B 61 2.52 5.63 -7.43
N LEU B 62 1.29 5.61 -6.92
CA LEU B 62 1.04 5.93 -5.52
C LEU B 62 1.26 4.69 -4.67
N ARG B 63 2.23 4.75 -3.78
CA ARG B 63 2.60 3.63 -2.95
C ARG B 63 2.42 3.98 -1.47
N GLY B 64 2.03 2.99 -0.68
CA GLY B 64 1.78 3.21 0.72
C GLY B 64 0.64 2.36 1.26
N HIS B 65 -0.14 1.76 0.36
CA HIS B 65 -1.19 0.85 0.78
C HIS B 65 -0.61 -0.54 1.01
N LEU B 66 -0.88 -1.10 2.19
CA LEU B 66 -0.31 -2.39 2.55
C LEU B 66 -0.90 -3.51 1.70
N ALA B 67 -2.21 -3.73 1.81
CA ALA B 67 -2.90 -4.82 1.15
C ALA B 67 -3.60 -4.32 -0.11
N LYS B 68 -4.41 -5.20 -0.70
CA LYS B 68 -5.16 -4.86 -1.90
C LYS B 68 -6.15 -3.74 -1.63
N ILE B 69 -6.35 -2.89 -2.62
CA ILE B 69 -7.27 -1.77 -2.53
C ILE B 69 -8.54 -2.11 -3.30
N TYR B 70 -9.68 -1.64 -2.80
CA TYR B 70 -10.96 -1.95 -3.42
C TYR B 70 -11.63 -0.78 -4.12
N ALA B 71 -11.57 0.42 -3.57
CA ALA B 71 -12.30 1.55 -4.13
C ALA B 71 -11.44 2.80 -4.16
N MET B 72 -11.76 3.68 -5.12
CA MET B 72 -11.19 5.01 -5.21
C MET B 72 -12.26 5.95 -5.76
N HIS B 73 -12.08 7.24 -5.50
CA HIS B 73 -12.99 8.25 -6.02
C HIS B 73 -12.27 9.58 -6.13
N TRP B 74 -12.40 10.22 -7.28
CA TRP B 74 -11.70 11.47 -7.56
C TRP B 74 -12.31 12.61 -6.75
N GLY B 75 -11.81 13.83 -7.00
CA GLY B 75 -12.32 15.02 -6.37
C GLY B 75 -12.93 15.96 -7.41
N THR B 76 -13.66 16.95 -6.92
CA THR B 76 -14.28 17.93 -7.81
C THR B 76 -13.25 18.88 -8.40
N ASP B 77 -12.22 19.23 -7.60
CA ASP B 77 -11.13 20.06 -8.09
C ASP B 77 -10.22 19.31 -9.05
N SER B 78 -10.39 18.00 -9.17
CA SER B 78 -9.63 17.15 -10.10
C SER B 78 -8.17 17.00 -9.72
N ARG B 79 -7.82 17.24 -8.46
CA ARG B 79 -6.43 17.06 -8.05
C ARG B 79 -6.28 16.16 -6.85
N LEU B 80 -7.19 16.21 -5.89
CA LEU B 80 -7.17 15.30 -4.76
C LEU B 80 -7.96 14.04 -5.08
N LEU B 81 -7.54 12.92 -4.50
CA LEU B 81 -8.30 11.68 -4.64
C LEU B 81 -8.25 10.92 -3.31
N VAL B 82 -9.14 9.94 -3.17
CA VAL B 82 -9.24 9.13 -1.97
C VAL B 82 -9.22 7.66 -2.36
N SER B 83 -8.50 6.84 -1.59
CA SER B 83 -8.41 5.41 -1.88
C SER B 83 -8.58 4.61 -0.60
N ALA B 84 -9.20 3.44 -0.74
CA ALA B 84 -9.55 2.56 0.37
C ALA B 84 -8.96 1.17 0.17
N SER B 85 -8.30 0.65 1.20
CA SER B 85 -7.63 -0.64 1.12
C SER B 85 -8.17 -1.58 2.20
N GLN B 86 -7.78 -2.85 2.09
CA GLN B 86 -8.31 -3.92 2.94
C GLN B 86 -7.56 -4.07 4.26
N ASP B 87 -6.54 -3.26 4.52
CA ASP B 87 -5.89 -3.26 5.83
C ASP B 87 -6.57 -2.32 6.81
N GLY B 88 -7.58 -1.58 6.37
CA GLY B 88 -8.24 -0.59 7.20
C GLY B 88 -7.63 0.78 7.01
N LYS B 89 -7.48 1.19 5.75
CA LYS B 89 -6.80 2.44 5.44
C LYS B 89 -7.57 3.22 4.38
N LEU B 90 -7.82 4.49 4.67
CA LEU B 90 -8.19 5.48 3.67
C LEU B 90 -7.03 6.46 3.54
N ILE B 91 -6.66 6.79 2.31
CA ILE B 91 -5.60 7.76 2.08
C ILE B 91 -6.06 8.79 1.08
N ILE B 92 -5.82 10.06 1.36
CA ILE B 92 -6.12 11.16 0.47
C ILE B 92 -4.83 11.61 -0.20
N TRP B 93 -4.78 11.52 -1.51
CA TRP B 93 -3.57 11.69 -2.29
C TRP B 93 -3.65 12.97 -3.12
N ASP B 94 -2.52 13.69 -3.16
CA ASP B 94 -2.33 14.84 -4.03
C ASP B 94 -1.75 14.34 -5.34
N SER B 95 -2.54 14.45 -6.41
CA SER B 95 -2.20 13.78 -7.66
C SER B 95 -1.06 14.45 -8.42
N TYR B 96 -0.62 15.64 -8.02
CA TYR B 96 0.48 16.32 -8.71
C TYR B 96 1.83 15.98 -8.11
N THR B 97 2.00 16.27 -6.82
CA THR B 97 3.28 16.09 -6.14
C THR B 97 3.38 14.79 -5.37
N THR B 98 2.44 13.88 -5.56
CA THR B 98 2.45 12.53 -4.99
C THR B 98 2.43 12.54 -3.45
N ASN B 99 2.20 13.70 -2.84
CA ASN B 99 2.21 13.79 -1.39
C ASN B 99 1.01 13.07 -0.80
N LYS B 100 1.03 12.93 0.52
CA LYS B 100 -0.03 12.25 1.27
C LYS B 100 -0.65 13.27 2.23
N VAL B 101 -1.76 13.86 1.81
CA VAL B 101 -2.39 14.92 2.60
C VAL B 101 -2.94 14.36 3.90
N HIS B 102 -3.69 13.26 3.83
CA HIS B 102 -4.29 12.64 5.00
C HIS B 102 -4.19 11.12 4.89
N ALA B 103 -4.09 10.47 6.05
CA ALA B 103 -4.13 9.01 6.15
C ALA B 103 -4.99 8.64 7.35
N ILE B 104 -6.15 8.06 7.09
CA ILE B 104 -7.19 7.82 8.09
C ILE B 104 -7.29 6.32 8.34
N PRO B 105 -7.35 5.87 9.59
CA PRO B 105 -7.62 4.45 9.87
C PRO B 105 -9.10 4.18 10.08
N LEU B 106 -9.55 3.05 9.54
CA LEU B 106 -10.95 2.64 9.62
C LEU B 106 -11.14 1.61 10.73
N ARG B 107 -12.37 1.45 11.20
CA ARG B 107 -12.62 0.46 12.24
C ARG B 107 -12.81 -0.94 11.72
N SER B 108 -13.28 -1.09 10.52
CA SER B 108 -13.47 -2.42 9.99
C SER B 108 -12.50 -2.64 8.83
N SER B 109 -11.76 -3.74 8.89
CA SER B 109 -10.71 -4.00 7.90
C SER B 109 -11.26 -4.38 6.53
N TRP B 110 -12.56 -4.61 6.41
CA TRP B 110 -13.16 -5.06 5.15
C TRP B 110 -14.08 -3.96 4.65
N VAL B 111 -13.59 -3.18 3.69
CA VAL B 111 -14.28 -2.02 3.16
C VAL B 111 -14.27 -2.12 1.63
N MET B 112 -15.43 -1.92 1.00
CA MET B 112 -15.53 -2.06 -0.45
C MET B 112 -15.85 -0.77 -1.18
N THR B 113 -16.05 0.34 -0.47
CA THR B 113 -16.52 1.53 -1.16
C THR B 113 -16.07 2.78 -0.41
N CYS B 114 -15.84 3.84 -1.18
CA CYS B 114 -15.50 5.14 -0.63
C CYS B 114 -16.10 6.21 -1.52
N ALA B 115 -16.49 7.33 -0.89
CA ALA B 115 -17.11 8.44 -1.61
C ALA B 115 -16.46 9.74 -1.17
N TYR B 116 -16.26 10.64 -2.12
CA TYR B 116 -15.67 11.94 -1.86
C TYR B 116 -16.70 13.00 -2.22
N ALA B 117 -17.03 13.85 -1.26
CA ALA B 117 -18.16 14.76 -1.41
C ALA B 117 -17.90 15.80 -2.50
N PRO B 118 -18.95 16.25 -3.18
CA PRO B 118 -18.77 17.29 -4.20
C PRO B 118 -18.26 18.61 -3.64
N SER B 119 -18.49 18.89 -2.36
CA SER B 119 -18.01 20.11 -1.73
C SER B 119 -16.62 19.98 -1.14
N GLY B 120 -16.07 18.77 -1.07
CA GLY B 120 -14.74 18.57 -0.54
C GLY B 120 -14.61 18.62 0.96
N ASN B 121 -15.73 18.57 1.68
CA ASN B 121 -15.69 18.66 3.14
C ASN B 121 -15.79 17.31 3.84
N TYR B 122 -16.34 16.29 3.18
CA TYR B 122 -16.64 15.02 3.82
C TYR B 122 -16.15 13.87 2.96
N VAL B 123 -15.89 12.73 3.62
CA VAL B 123 -15.52 11.50 2.94
C VAL B 123 -16.30 10.33 3.54
N ALA B 124 -16.74 9.41 2.68
CA ALA B 124 -17.63 8.33 3.11
C ALA B 124 -16.98 6.97 2.85
N CYS B 125 -17.25 6.01 3.73
CA CYS B 125 -16.71 4.67 3.58
C CYS B 125 -17.70 3.63 4.10
N GLY B 126 -17.53 2.39 3.65
CA GLY B 126 -18.40 1.31 4.07
C GLY B 126 -17.93 -0.05 3.58
N GLY B 127 -18.42 -1.09 4.27
CA GLY B 127 -18.04 -2.45 3.95
C GLY B 127 -18.83 -3.52 4.69
N LEU B 128 -18.16 -4.61 5.09
CA LEU B 128 -18.84 -5.70 5.79
C LEU B 128 -19.43 -5.25 7.13
N ASP B 129 -18.92 -4.17 7.71
CA ASP B 129 -19.34 -3.75 9.04
C ASP B 129 -20.82 -3.37 9.11
N ASN B 130 -21.54 -3.40 7.99
CA ASN B 130 -22.95 -3.05 7.89
C ASN B 130 -23.22 -1.58 8.20
N ILE B 131 -22.17 -0.74 8.20
CA ILE B 131 -22.28 0.66 8.58
C ILE B 131 -21.65 1.51 7.50
N CYS B 132 -22.22 2.69 7.27
CA CYS B 132 -21.63 3.71 6.42
C CYS B 132 -21.12 4.84 7.31
N SER B 133 -19.84 5.17 7.17
CA SER B 133 -19.20 6.19 8.00
C SER B 133 -18.97 7.44 7.18
N ILE B 134 -19.29 8.59 7.76
CA ILE B 134 -19.08 9.91 7.17
C ILE B 134 -18.10 10.65 8.04
N TYR B 135 -16.95 11.02 7.45
CA TYR B 135 -15.83 11.66 8.13
C TYR B 135 -15.73 13.12 7.70
N ASN B 136 -15.47 14.00 8.66
CA ASN B 136 -15.33 15.43 8.43
C ASN B 136 -13.86 15.76 8.17
N LEU B 137 -13.57 16.39 7.04
CA LEU B 137 -12.20 16.70 6.66
C LEU B 137 -11.73 18.05 7.19
N LYS B 138 -12.45 19.13 6.85
CA LYS B 138 -12.02 20.49 7.16
C LYS B 138 -12.55 20.92 8.52
N THR B 139 -12.06 20.24 9.56
CA THR B 139 -12.37 20.60 10.93
C THR B 139 -11.47 21.76 11.35
N ARG B 140 -11.45 22.08 12.65
CA ARG B 140 -10.58 23.12 13.18
C ARG B 140 -9.30 22.55 13.79
N GLU B 141 -8.88 21.36 13.37
CA GLU B 141 -7.66 20.74 13.85
C GLU B 141 -7.01 19.96 12.71
N GLY B 142 -5.91 19.30 13.02
CA GLY B 142 -5.17 18.51 12.06
C GLY B 142 -5.63 17.08 11.90
N ASN B 143 -6.69 16.69 12.59
CA ASN B 143 -7.20 15.32 12.54
C ASN B 143 -8.49 15.27 11.73
N VAL B 144 -8.90 14.05 11.41
CA VAL B 144 -10.17 13.78 10.74
C VAL B 144 -10.97 12.85 11.65
N ARG B 145 -12.17 13.29 12.02
CA ARG B 145 -12.99 12.56 12.99
C ARG B 145 -14.30 12.12 12.36
N VAL B 146 -15.00 11.24 13.07
CA VAL B 146 -16.27 10.71 12.60
C VAL B 146 -17.35 11.77 12.73
N SER B 147 -18.07 12.03 11.64
CA SER B 147 -19.20 12.95 11.65
C SER B 147 -20.54 12.24 11.76
N ARG B 148 -20.70 11.11 11.07
CA ARG B 148 -21.98 10.40 11.12
C ARG B 148 -21.75 8.91 10.90
N GLU B 149 -22.63 8.10 11.49
CA GLU B 149 -22.53 6.63 11.50
C GLU B 149 -23.90 6.06 11.16
N LEU B 150 -24.15 5.83 9.87
CA LEU B 150 -25.43 5.32 9.39
C LEU B 150 -25.44 3.80 9.45
N ALA B 151 -26.44 3.24 10.14
CA ALA B 151 -26.53 1.78 10.29
C ALA B 151 -28.00 1.38 10.29
N GLY B 152 -28.49 0.95 9.14
CA GLY B 152 -29.86 0.48 9.03
C GLY B 152 -30.00 -0.69 8.06
N HIS B 153 -28.90 -1.36 7.77
CA HIS B 153 -28.86 -2.45 6.81
C HIS B 153 -28.40 -3.74 7.49
N THR B 154 -28.73 -4.87 6.86
CA THR B 154 -28.33 -6.18 7.37
C THR B 154 -27.50 -6.96 6.36
N GLY B 155 -26.97 -6.30 5.33
CA GLY B 155 -26.06 -6.93 4.40
C GLY B 155 -24.77 -6.13 4.25
N TYR B 156 -23.93 -6.50 3.29
CA TYR B 156 -22.70 -5.77 3.04
C TYR B 156 -22.94 -4.69 2.00
N LEU B 157 -22.44 -3.49 2.27
CA LEU B 157 -22.56 -2.38 1.34
C LEU B 157 -21.60 -2.55 0.17
N SER B 158 -22.02 -2.10 -1.01
CA SER B 158 -21.16 -2.15 -2.18
C SER B 158 -21.05 -0.84 -2.93
N CYS B 159 -21.78 0.21 -2.52
CA CYS B 159 -21.69 1.51 -3.17
C CYS B 159 -22.43 2.54 -2.34
N CYS B 160 -21.87 3.73 -2.25
CA CYS B 160 -22.51 4.85 -1.56
C CYS B 160 -22.07 6.15 -2.23
N ARG B 161 -23.02 7.01 -2.54
CA ARG B 161 -22.74 8.23 -3.28
C ARG B 161 -23.39 9.43 -2.61
N PHE B 162 -22.69 10.57 -2.69
CA PHE B 162 -23.17 11.81 -2.11
C PHE B 162 -24.04 12.55 -3.12
N LEU B 163 -25.19 13.03 -2.66
CA LEU B 163 -26.00 13.95 -3.44
C LEU B 163 -25.66 15.40 -3.10
N ASP B 164 -25.62 15.70 -1.80
CA ASP B 164 -25.21 17.00 -1.28
C ASP B 164 -24.43 16.74 0.00
N ASP B 165 -24.23 17.78 0.79
CA ASP B 165 -23.65 17.58 2.11
C ASP B 165 -24.61 16.92 3.08
N ASN B 166 -25.82 16.56 2.63
CA ASN B 166 -26.85 16.05 3.52
C ASN B 166 -27.50 14.77 3.01
N GLN B 167 -27.50 14.56 1.69
CA GLN B 167 -28.19 13.43 1.07
C GLN B 167 -27.19 12.42 0.55
N ILE B 168 -27.33 11.17 0.98
CA ILE B 168 -26.46 10.09 0.55
C ILE B 168 -27.31 8.87 0.18
N VAL B 169 -26.95 8.23 -0.93
CA VAL B 169 -27.65 7.04 -1.43
C VAL B 169 -26.70 5.86 -1.34
N THR B 170 -27.12 4.82 -0.61
CA THR B 170 -26.29 3.64 -0.39
C THR B 170 -27.02 2.41 -0.88
N SER B 171 -26.33 1.59 -1.68
CA SER B 171 -26.87 0.32 -2.16
C SER B 171 -26.21 -0.81 -1.38
N SER B 172 -27.02 -1.72 -0.85
CA SER B 172 -26.57 -2.74 0.08
C SER B 172 -26.80 -4.13 -0.48
N GLY B 173 -26.25 -5.12 0.23
CA GLY B 173 -26.44 -6.51 -0.13
C GLY B 173 -27.76 -7.10 0.32
N ASP B 174 -28.48 -6.41 1.21
CA ASP B 174 -29.79 -6.88 1.66
C ASP B 174 -30.91 -6.37 0.75
N THR B 175 -30.70 -6.53 -0.57
CA THR B 175 -31.72 -6.30 -1.59
C THR B 175 -32.41 -4.94 -1.47
N THR B 176 -31.78 -3.98 -0.80
CA THR B 176 -32.40 -2.67 -0.55
C THR B 176 -31.44 -1.56 -0.87
N CYS B 177 -31.96 -0.47 -1.44
CA CYS B 177 -31.19 0.75 -1.67
C CYS B 177 -31.82 1.87 -0.85
N ALA B 178 -31.03 2.56 -0.04
CA ALA B 178 -31.57 3.55 0.87
C ALA B 178 -31.05 4.95 0.58
N LEU B 179 -31.94 5.93 0.64
CA LEU B 179 -31.60 7.35 0.59
C LEU B 179 -31.79 7.91 1.99
N TRP B 180 -30.71 8.46 2.55
CA TRP B 180 -30.65 8.80 3.98
C TRP B 180 -30.70 10.30 4.21
N ASP B 181 -30.70 10.66 5.49
CA ASP B 181 -30.53 12.02 5.97
C ASP B 181 -29.45 12.00 7.03
N ILE B 182 -28.47 12.90 6.92
CA ILE B 182 -27.23 12.76 7.68
C ILE B 182 -27.31 13.37 9.08
N GLU B 183 -28.03 14.48 9.25
CA GLU B 183 -28.11 15.08 10.59
C GLU B 183 -28.78 14.14 11.58
N THR B 184 -29.84 13.46 11.16
CA THR B 184 -30.55 12.56 12.06
C THR B 184 -29.86 11.21 12.13
N GLY B 185 -29.63 10.58 10.98
CA GLY B 185 -29.06 9.26 10.91
C GLY B 185 -30.05 8.13 10.65
N GLN B 186 -31.25 8.44 10.18
CA GLN B 186 -32.28 7.45 9.91
C GLN B 186 -32.60 7.44 8.43
N GLN B 187 -33.12 6.30 7.97
CA GLN B 187 -33.45 6.15 6.55
C GLN B 187 -34.66 7.00 6.19
N THR B 188 -34.63 7.57 5.00
CA THR B 188 -35.71 8.43 4.51
C THR B 188 -36.49 7.81 3.36
N THR B 189 -35.82 7.21 2.38
CA THR B 189 -36.52 6.60 1.26
C THR B 189 -35.89 5.24 0.94
N THR B 190 -36.66 4.17 1.10
CA THR B 190 -36.17 2.83 0.86
C THR B 190 -36.64 2.34 -0.51
N PHE B 191 -35.78 1.58 -1.18
CA PHE B 191 -36.01 1.08 -2.52
C PHE B 191 -35.87 -0.43 -2.51
N THR B 192 -36.91 -1.12 -2.96
CA THR B 192 -36.99 -2.57 -2.99
C THR B 192 -37.50 -3.04 -4.34
N GLY B 193 -37.14 -4.27 -4.69
CA GLY B 193 -37.58 -4.82 -5.96
C GLY B 193 -36.56 -5.70 -6.65
N HIS B 194 -35.35 -5.78 -6.11
CA HIS B 194 -34.30 -6.59 -6.69
C HIS B 194 -34.35 -8.01 -6.15
N THR B 195 -33.99 -8.97 -7.01
CA THR B 195 -34.03 -10.38 -6.62
C THR B 195 -32.81 -10.76 -5.79
N GLY B 196 -31.62 -10.34 -6.23
CA GLY B 196 -30.40 -10.62 -5.52
C GLY B 196 -29.82 -9.40 -4.83
N ASP B 197 -28.63 -9.58 -4.26
CA ASP B 197 -27.95 -8.49 -3.58
C ASP B 197 -27.45 -7.46 -4.60
N VAL B 198 -27.50 -6.19 -4.20
CA VAL B 198 -27.19 -5.09 -5.10
C VAL B 198 -25.67 -4.94 -5.20
N MET B 199 -25.18 -4.79 -6.42
CA MET B 199 -23.75 -4.74 -6.72
C MET B 199 -23.23 -3.33 -6.90
N SER B 200 -23.85 -2.54 -7.77
CA SER B 200 -23.34 -1.22 -8.10
C SER B 200 -24.47 -0.23 -8.33
N LEU B 201 -24.11 1.04 -8.41
CA LEU B 201 -25.08 2.14 -8.42
C LEU B 201 -24.40 3.36 -9.02
N SER B 202 -25.19 4.17 -9.74
CA SER B 202 -24.62 5.41 -10.28
C SER B 202 -25.70 6.47 -10.44
N LEU B 203 -25.35 7.71 -10.11
CA LEU B 203 -26.26 8.84 -10.12
C LEU B 203 -26.24 9.55 -11.46
N ALA B 204 -27.36 10.19 -11.79
CA ALA B 204 -27.46 10.95 -13.03
C ALA B 204 -26.90 12.35 -12.85
N PRO B 205 -26.34 12.95 -13.90
CA PRO B 205 -25.86 14.34 -13.80
C PRO B 205 -26.96 15.33 -13.50
N ASP B 206 -28.18 15.09 -13.97
CA ASP B 206 -29.30 15.97 -13.70
C ASP B 206 -29.82 15.85 -12.27
N THR B 207 -29.30 14.89 -11.49
CA THR B 207 -29.52 14.71 -10.06
C THR B 207 -30.90 14.12 -9.77
N ARG B 208 -31.78 14.00 -10.76
CA ARG B 208 -33.14 13.55 -10.52
C ARG B 208 -33.26 12.04 -10.38
N LEU B 209 -32.44 11.26 -11.08
CA LEU B 209 -32.58 9.81 -11.13
C LEU B 209 -31.23 9.15 -10.88
N PHE B 210 -31.26 7.83 -10.78
CA PHE B 210 -30.06 7.02 -10.67
C PHE B 210 -30.39 5.58 -11.03
N VAL B 211 -29.36 4.82 -11.40
CA VAL B 211 -29.53 3.44 -11.83
C VAL B 211 -28.80 2.52 -10.86
N SER B 212 -29.29 1.29 -10.76
CA SER B 212 -28.73 0.30 -9.86
C SER B 212 -28.63 -1.04 -10.58
N GLY B 213 -27.66 -1.85 -10.14
CA GLY B 213 -27.45 -3.17 -10.70
C GLY B 213 -27.13 -4.19 -9.62
N ALA B 214 -27.82 -5.33 -9.66
CA ALA B 214 -27.74 -6.36 -8.63
C ALA B 214 -27.42 -7.71 -9.25
N CYS B 215 -27.34 -8.73 -8.41
CA CYS B 215 -26.97 -10.07 -8.84
C CYS B 215 -28.18 -10.87 -9.33
N ASP B 216 -28.91 -10.27 -10.27
CA ASP B 216 -30.01 -10.99 -10.92
C ASP B 216 -30.04 -10.71 -12.43
N ALA B 217 -28.93 -10.24 -13.00
CA ALA B 217 -28.77 -9.94 -14.42
C ALA B 217 -29.67 -8.82 -14.90
N SER B 218 -30.33 -8.11 -14.00
CA SER B 218 -31.26 -7.04 -14.35
C SER B 218 -30.79 -5.73 -13.75
N ALA B 219 -31.02 -4.64 -14.49
CA ALA B 219 -30.70 -3.29 -14.04
C ALA B 219 -31.99 -2.51 -13.84
N LYS B 220 -32.00 -1.63 -12.84
CA LYS B 220 -33.22 -0.94 -12.49
C LYS B 220 -32.98 0.54 -12.24
N LEU B 221 -33.78 1.38 -12.90
CA LEU B 221 -33.86 2.79 -12.59
C LEU B 221 -34.68 3.00 -11.32
N TRP B 222 -34.58 4.20 -10.76
CA TRP B 222 -35.34 4.56 -9.57
C TRP B 222 -35.72 6.03 -9.64
N ASP B 223 -36.37 6.52 -8.60
CA ASP B 223 -36.74 7.92 -8.47
C ASP B 223 -36.35 8.42 -7.09
N VAL B 224 -35.72 9.60 -7.04
CA VAL B 224 -35.16 10.09 -5.79
C VAL B 224 -36.27 10.47 -4.80
N ARG B 225 -37.28 11.19 -5.28
CA ARG B 225 -38.32 11.71 -4.37
C ARG B 225 -39.44 10.73 -4.03
N GLU B 226 -40.09 10.19 -5.04
CA GLU B 226 -41.17 9.24 -4.78
C GLU B 226 -40.63 7.89 -4.32
N GLY B 227 -39.61 7.37 -5.00
CA GLY B 227 -38.98 6.13 -4.59
C GLY B 227 -39.64 4.90 -5.16
N MET B 228 -39.76 4.82 -6.48
CA MET B 228 -40.37 3.68 -7.15
C MET B 228 -39.53 3.28 -8.37
N CYS B 229 -39.49 1.98 -8.62
CA CYS B 229 -38.78 1.45 -9.78
C CYS B 229 -39.53 1.85 -11.04
N ARG B 230 -38.99 2.82 -11.77
CA ARG B 230 -39.68 3.34 -12.95
C ARG B 230 -39.50 2.46 -14.19
N GLN B 231 -38.37 1.80 -14.33
CA GLN B 231 -38.12 0.93 -15.48
C GLN B 231 -37.26 -0.25 -15.03
N THR B 232 -37.10 -1.21 -15.94
CA THR B 232 -36.28 -2.38 -15.67
C THR B 232 -35.74 -2.92 -16.98
N PHE B 233 -34.45 -3.24 -16.99
CA PHE B 233 -33.75 -3.69 -18.18
C PHE B 233 -33.12 -5.06 -17.92
N THR B 234 -33.20 -5.94 -18.91
CA THR B 234 -32.67 -7.30 -18.74
C THR B 234 -32.19 -7.80 -20.10
N GLY B 235 -30.88 -7.94 -20.25
CA GLY B 235 -30.32 -8.57 -21.43
C GLY B 235 -29.10 -9.41 -21.14
N HIS B 236 -28.72 -9.49 -19.85
CA HIS B 236 -27.50 -10.17 -19.45
C HIS B 236 -27.75 -11.65 -19.20
N GLU B 237 -26.69 -12.36 -18.85
CA GLU B 237 -26.75 -13.77 -18.45
C GLU B 237 -26.45 -13.99 -16.98
N SER B 238 -25.49 -13.27 -16.41
CA SER B 238 -25.11 -13.44 -15.02
C SER B 238 -25.17 -12.12 -14.27
N ASP B 239 -24.64 -12.10 -13.05
CA ASP B 239 -24.69 -10.90 -12.23
C ASP B 239 -23.84 -9.78 -12.83
N ILE B 240 -24.30 -8.55 -12.60
CA ILE B 240 -23.63 -7.34 -13.10
C ILE B 240 -22.79 -6.76 -11.98
N ASN B 241 -21.50 -6.55 -12.23
CA ASN B 241 -20.60 -6.09 -11.18
C ASN B 241 -20.43 -4.58 -11.14
N ALA B 242 -20.60 -3.89 -12.27
CA ALA B 242 -20.34 -2.46 -12.33
C ALA B 242 -21.35 -1.78 -13.26
N ILE B 243 -21.63 -0.52 -12.98
CA ILE B 243 -22.60 0.27 -13.73
C ILE B 243 -22.21 1.74 -13.63
N CYS B 244 -22.47 2.50 -14.69
CA CYS B 244 -22.14 3.92 -14.72
C CYS B 244 -22.99 4.63 -15.76
N PHE B 245 -23.27 5.90 -15.50
CA PHE B 245 -24.08 6.72 -16.40
C PHE B 245 -23.26 7.27 -17.57
N PHE B 246 -23.98 7.53 -18.66
CA PHE B 246 -23.43 8.31 -19.76
C PHE B 246 -23.47 9.80 -19.39
N PRO B 247 -22.54 10.59 -19.91
CA PRO B 247 -22.53 12.03 -19.58
C PRO B 247 -23.83 12.75 -19.92
N ASN B 248 -24.50 12.34 -21.00
CA ASN B 248 -25.73 13.01 -21.40
C ASN B 248 -26.81 12.90 -20.34
N GLY B 249 -26.95 11.72 -19.73
CA GLY B 249 -28.02 11.45 -18.80
C GLY B 249 -29.18 10.68 -19.37
N ASN B 250 -29.07 10.19 -20.61
CA ASN B 250 -30.13 9.42 -21.25
C ASN B 250 -29.67 8.03 -21.65
N ALA B 251 -28.62 7.51 -21.00
CA ALA B 251 -28.10 6.18 -21.28
C ALA B 251 -27.17 5.79 -20.14
N PHE B 252 -26.78 4.52 -20.13
CA PHE B 252 -25.80 4.02 -19.19
C PHE B 252 -25.22 2.70 -19.71
N ALA B 253 -24.26 2.17 -18.97
CA ALA B 253 -23.57 0.95 -19.38
C ALA B 253 -23.32 0.05 -18.18
N THR B 254 -23.30 -1.26 -18.45
CA THR B 254 -23.13 -2.27 -17.43
C THR B 254 -22.04 -3.25 -17.85
N GLY B 255 -21.39 -3.86 -16.85
CA GLY B 255 -20.41 -4.91 -17.10
C GLY B 255 -20.65 -6.09 -16.19
N SER B 256 -20.64 -7.31 -16.73
CA SER B 256 -21.10 -8.46 -15.96
C SER B 256 -20.06 -9.57 -15.97
N ASP B 257 -20.32 -10.59 -15.13
CA ASP B 257 -19.40 -11.71 -14.92
C ASP B 257 -19.20 -12.57 -16.16
N ASP B 258 -20.10 -12.51 -17.14
CA ASP B 258 -19.93 -13.30 -18.35
C ASP B 258 -19.04 -12.61 -19.38
N ALA B 259 -18.18 -11.69 -18.93
CA ALA B 259 -17.21 -11.01 -19.80
C ALA B 259 -17.90 -10.19 -20.89
N THR B 260 -18.91 -9.41 -20.51
CA THR B 260 -19.64 -8.60 -21.46
C THR B 260 -19.94 -7.22 -20.87
N CYS B 261 -19.98 -6.23 -21.76
CA CYS B 261 -20.49 -4.90 -21.47
C CYS B 261 -21.74 -4.65 -22.30
N ARG B 262 -22.70 -3.94 -21.73
CA ARG B 262 -23.95 -3.64 -22.39
C ARG B 262 -24.24 -2.15 -22.29
N LEU B 263 -24.78 -1.57 -23.38
CA LEU B 263 -25.20 -0.18 -23.40
C LEU B 263 -26.72 -0.15 -23.39
N PHE B 264 -27.30 0.43 -22.34
CA PHE B 264 -28.74 0.50 -22.18
C PHE B 264 -29.20 1.96 -22.29
N ASP B 265 -30.38 2.13 -22.86
CA ASP B 265 -30.98 3.44 -23.09
C ASP B 265 -32.20 3.62 -22.19
N LEU B 266 -32.49 4.87 -21.85
CA LEU B 266 -33.62 5.20 -20.99
C LEU B 266 -34.88 5.55 -21.78
N ARG B 267 -34.80 6.43 -22.77
CA ARG B 267 -36.04 6.75 -23.51
C ARG B 267 -36.44 5.60 -24.43
N ALA B 268 -35.47 4.93 -25.03
CA ALA B 268 -35.85 3.86 -25.93
C ALA B 268 -36.27 2.58 -25.21
N ASP B 269 -35.84 2.39 -23.96
CA ASP B 269 -36.18 1.21 -23.17
C ASP B 269 -35.87 -0.07 -23.95
N GLN B 270 -34.59 -0.23 -24.30
CA GLN B 270 -34.13 -1.39 -25.06
C GLN B 270 -32.61 -1.40 -25.07
N GLU B 271 -32.05 -2.60 -25.11
CA GLU B 271 -30.61 -2.75 -25.21
C GLU B 271 -30.10 -2.18 -26.52
N LEU B 272 -28.96 -1.49 -26.47
CA LEU B 272 -28.40 -0.82 -27.64
C LEU B 272 -27.27 -1.62 -28.29
N MET B 273 -26.22 -1.95 -27.53
CA MET B 273 -25.02 -2.53 -28.11
C MET B 273 -24.30 -3.34 -27.04
N THR B 274 -23.58 -4.36 -27.49
CA THR B 274 -22.80 -5.21 -26.60
C THR B 274 -21.32 -5.16 -26.97
N TYR B 275 -20.47 -5.30 -25.96
CA TYR B 275 -19.02 -5.27 -26.12
C TYR B 275 -18.44 -6.53 -25.50
N SER B 276 -17.76 -7.33 -26.33
CA SER B 276 -17.10 -8.56 -25.91
C SER B 276 -16.28 -9.10 -27.06
N HIS B 277 -15.21 -9.81 -26.73
CA HIS B 277 -14.35 -10.47 -27.71
C HIS B 277 -14.06 -11.88 -27.24
N ASP B 278 -13.76 -12.77 -28.20
CA ASP B 278 -13.57 -14.19 -27.92
C ASP B 278 -12.34 -14.48 -27.08
N ASN B 279 -11.44 -13.51 -26.90
CA ASN B 279 -10.23 -13.73 -26.12
C ASN B 279 -10.40 -13.41 -24.65
N ILE B 280 -11.54 -12.88 -24.24
CA ILE B 280 -11.79 -12.51 -22.84
C ILE B 280 -12.68 -13.57 -22.21
N ILE B 281 -12.26 -14.09 -21.06
CA ILE B 281 -13.00 -15.13 -20.37
C ILE B 281 -13.31 -14.68 -18.94
N CYS B 282 -12.47 -13.80 -18.40
CA CYS B 282 -12.64 -13.31 -17.04
C CYS B 282 -13.76 -12.27 -16.98
N GLY B 283 -14.24 -12.03 -15.76
CA GLY B 283 -15.31 -11.08 -15.55
C GLY B 283 -14.84 -9.63 -15.59
N ILE B 284 -15.81 -8.73 -15.51
CA ILE B 284 -15.58 -7.29 -15.54
C ILE B 284 -15.94 -6.71 -14.18
N THR B 285 -15.08 -5.85 -13.66
CA THR B 285 -15.23 -5.35 -12.29
C THR B 285 -15.53 -3.87 -12.21
N SER B 286 -15.09 -3.07 -13.17
CA SER B 286 -15.37 -1.64 -13.16
C SER B 286 -15.55 -1.14 -14.59
N VAL B 287 -16.55 -0.28 -14.77
CA VAL B 287 -16.85 0.33 -16.07
C VAL B 287 -16.99 1.82 -15.84
N SER B 288 -16.32 2.62 -16.67
CA SER B 288 -16.35 4.06 -16.51
C SER B 288 -16.29 4.73 -17.87
N PHE B 289 -16.74 5.98 -17.91
CA PHE B 289 -16.86 6.73 -19.16
C PHE B 289 -15.88 7.90 -19.17
N SER B 290 -15.48 8.31 -20.37
CA SER B 290 -14.70 9.51 -20.55
C SER B 290 -15.60 10.73 -20.33
N LYS B 291 -14.98 11.92 -20.27
CA LYS B 291 -15.75 13.13 -20.01
C LYS B 291 -16.73 13.40 -21.14
N SER B 292 -16.29 13.25 -22.38
CA SER B 292 -17.19 13.46 -23.52
C SER B 292 -18.15 12.30 -23.67
N GLY B 293 -17.67 11.06 -23.52
CA GLY B 293 -18.49 9.89 -23.73
C GLY B 293 -18.16 9.15 -25.00
N ARG B 294 -16.88 9.14 -25.37
CA ARG B 294 -16.41 8.44 -26.55
C ARG B 294 -15.55 7.22 -26.23
N LEU B 295 -14.96 7.17 -25.05
CA LEU B 295 -14.16 6.04 -24.61
C LEU B 295 -14.84 5.36 -23.43
N LEU B 296 -14.77 4.04 -23.38
CA LEU B 296 -15.32 3.25 -22.29
C LEU B 296 -14.19 2.44 -21.66
N LEU B 297 -13.86 2.74 -20.41
CA LEU B 297 -12.76 2.07 -19.72
C LEU B 297 -13.33 0.95 -18.86
N ALA B 298 -12.94 -0.28 -19.17
CA ALA B 298 -13.46 -1.47 -18.52
C ALA B 298 -12.33 -2.23 -17.82
N GLY B 299 -12.52 -2.48 -16.52
CA GLY B 299 -11.58 -3.30 -15.78
C GLY B 299 -11.80 -4.78 -16.03
N TYR B 300 -10.86 -5.60 -15.55
CA TYR B 300 -10.90 -7.03 -15.81
C TYR B 300 -10.14 -7.76 -14.71
N ASP B 301 -10.20 -9.09 -14.79
CA ASP B 301 -9.46 -9.95 -13.86
C ASP B 301 -8.21 -10.55 -14.47
N ASP B 302 -8.01 -10.43 -15.78
CA ASP B 302 -6.79 -10.95 -16.40
C ASP B 302 -5.70 -9.89 -16.44
N PHE B 303 -5.47 -9.25 -15.29
CA PHE B 303 -4.34 -8.33 -15.09
C PHE B 303 -4.33 -7.19 -16.11
N ASN B 304 -5.50 -6.75 -16.57
CA ASN B 304 -5.58 -5.80 -17.66
C ASN B 304 -6.63 -4.73 -17.35
N CYS B 305 -6.77 -3.80 -18.28
CA CYS B 305 -7.77 -2.74 -18.22
C CYS B 305 -7.88 -2.17 -19.63
N ASN B 306 -9.04 -2.35 -20.26
CA ASN B 306 -9.15 -2.06 -21.68
C ASN B 306 -10.00 -0.82 -21.93
N VAL B 307 -9.86 -0.29 -23.15
CA VAL B 307 -10.60 0.87 -23.61
C VAL B 307 -11.37 0.50 -24.87
N TRP B 308 -12.65 0.79 -24.90
CA TRP B 308 -13.53 0.48 -26.01
C TRP B 308 -14.03 1.76 -26.65
N ASP B 309 -14.17 1.72 -27.98
CA ASP B 309 -14.91 2.76 -28.67
C ASP B 309 -16.40 2.57 -28.41
N ALA B 310 -17.00 3.52 -27.69
CA ALA B 310 -18.36 3.35 -27.19
C ALA B 310 -19.41 3.30 -28.29
N LEU B 311 -19.06 3.65 -29.52
CA LEU B 311 -20.02 3.66 -30.63
C LEU B 311 -19.86 2.46 -31.55
N LYS B 312 -18.65 2.19 -32.02
CA LYS B 312 -18.43 1.12 -33.00
C LYS B 312 -18.10 -0.22 -32.36
N ALA B 313 -17.95 -0.28 -31.04
CA ALA B 313 -17.72 -1.53 -30.30
C ALA B 313 -16.45 -2.24 -30.78
N ASP B 314 -15.32 -1.56 -30.63
CA ASP B 314 -14.01 -2.11 -30.98
C ASP B 314 -13.02 -1.82 -29.86
N ARG B 315 -11.96 -2.62 -29.83
CA ARG B 315 -10.86 -2.37 -28.92
C ARG B 315 -10.06 -1.16 -29.36
N ALA B 316 -9.53 -0.41 -28.40
CA ALA B 316 -8.77 0.79 -28.71
C ALA B 316 -7.52 0.93 -27.84
N GLY B 317 -6.94 -0.18 -27.41
CA GLY B 317 -5.75 -0.15 -26.59
C GLY B 317 -5.96 -0.86 -25.26
N VAL B 318 -4.84 -1.08 -24.57
CA VAL B 318 -4.81 -1.79 -23.31
C VAL B 318 -4.00 -0.98 -22.30
N LEU B 319 -4.52 -0.88 -21.07
CA LEU B 319 -3.79 -0.25 -19.97
C LEU B 319 -3.04 -1.31 -19.16
N ALA B 320 -2.19 -2.04 -19.86
CA ALA B 320 -1.37 -3.06 -19.20
C ALA B 320 -0.34 -2.41 -18.30
N GLY B 321 0.07 -3.15 -17.25
CA GLY B 321 1.02 -2.61 -16.31
C GLY B 321 0.75 -3.02 -14.88
N HIS B 322 -0.32 -3.76 -14.66
CA HIS B 322 -0.69 -4.23 -13.32
C HIS B 322 -0.35 -5.70 -13.16
N ASP B 323 0.01 -6.08 -11.94
CA ASP B 323 0.37 -7.45 -11.61
C ASP B 323 -0.80 -8.27 -11.07
N ASN B 324 -1.98 -7.68 -10.95
CA ASN B 324 -3.15 -8.39 -10.43
C ASN B 324 -4.39 -7.83 -11.10
N ARG B 325 -5.56 -8.18 -10.57
CA ARG B 325 -6.82 -7.71 -11.13
C ARG B 325 -7.05 -6.24 -10.81
N VAL B 326 -7.75 -5.56 -11.72
CA VAL B 326 -8.06 -4.14 -11.57
C VAL B 326 -9.40 -4.03 -10.87
N SER B 327 -9.40 -3.48 -9.65
CA SER B 327 -10.59 -3.47 -8.81
C SER B 327 -11.29 -2.13 -8.73
N CYS B 328 -10.74 -1.07 -9.31
CA CYS B 328 -11.38 0.24 -9.24
C CYS B 328 -10.80 1.14 -10.33
N LEU B 329 -11.66 1.96 -10.91
CA LEU B 329 -11.31 2.85 -12.01
C LEU B 329 -12.00 4.18 -11.81
N GLY B 330 -11.29 5.27 -12.12
CA GLY B 330 -11.91 6.59 -12.01
C GLY B 330 -11.34 7.61 -12.95
N VAL B 331 -12.20 8.26 -13.73
CA VAL B 331 -11.79 9.29 -14.68
C VAL B 331 -12.10 10.65 -14.08
N THR B 332 -11.14 11.57 -14.17
CA THR B 332 -11.28 12.90 -13.59
C THR B 332 -12.36 13.69 -14.33
N ASP B 333 -12.88 14.72 -13.65
CA ASP B 333 -14.05 15.43 -14.14
C ASP B 333 -13.78 16.11 -15.49
N ASP B 334 -12.63 16.75 -15.64
CA ASP B 334 -12.29 17.43 -16.88
C ASP B 334 -11.56 16.54 -17.87
N GLY B 335 -11.38 15.25 -17.56
CA GLY B 335 -10.93 14.29 -18.55
C GLY B 335 -9.47 14.36 -18.92
N MET B 336 -8.62 14.85 -18.03
CA MET B 336 -7.19 14.92 -18.31
C MET B 336 -6.39 13.77 -17.70
N ALA B 337 -7.03 12.86 -16.99
CA ALA B 337 -6.31 11.75 -16.37
C ALA B 337 -7.30 10.63 -16.04
N VAL B 338 -6.76 9.43 -15.82
CA VAL B 338 -7.54 8.32 -15.32
C VAL B 338 -6.72 7.57 -14.28
N ALA B 339 -7.32 7.30 -13.13
CA ALA B 339 -6.66 6.54 -12.07
C ALA B 339 -7.19 5.12 -12.04
N THR B 340 -6.29 4.17 -11.83
CA THR B 340 -6.64 2.76 -11.81
C THR B 340 -5.99 2.10 -10.59
N GLY B 341 -6.80 1.38 -9.80
CA GLY B 341 -6.31 0.63 -8.68
C GLY B 341 -6.31 -0.86 -8.97
N SER B 342 -5.72 -1.63 -8.05
CA SER B 342 -5.56 -3.06 -8.26
C SER B 342 -5.31 -3.74 -6.93
N TRP B 343 -5.24 -5.08 -6.97
CA TRP B 343 -4.91 -5.87 -5.81
C TRP B 343 -3.42 -5.93 -5.52
N ASP B 344 -2.57 -5.43 -6.42
CA ASP B 344 -1.14 -5.31 -6.10
C ASP B 344 -0.84 -4.11 -5.22
N SER B 345 -1.86 -3.31 -4.88
CA SER B 345 -1.79 -2.19 -3.95
C SER B 345 -1.09 -0.96 -4.53
N PHE B 346 -1.07 -0.81 -5.86
CA PHE B 346 -0.45 0.34 -6.50
C PHE B 346 -1.47 1.04 -7.39
N LEU B 347 -1.68 2.33 -7.16
CA LEU B 347 -2.52 3.14 -8.00
C LEU B 347 -1.70 3.74 -9.13
N LYS B 348 -2.25 3.70 -10.34
CA LYS B 348 -1.57 4.21 -11.52
C LYS B 348 -2.40 5.30 -12.17
N ILE B 349 -1.76 6.42 -12.48
CA ILE B 349 -2.41 7.56 -13.13
C ILE B 349 -1.95 7.61 -14.58
N TRP B 350 -2.89 7.74 -15.50
CA TRP B 350 -2.62 7.65 -16.92
C TRP B 350 -3.13 8.90 -17.63
N ASN B 351 -2.40 9.30 -18.66
CA ASN B 351 -2.75 10.44 -19.49
C ASN B 351 -2.93 10.05 -20.96
N VAL C 12 -47.97 -8.34 -9.31
CA VAL C 12 -49.12 -8.67 -10.15
C VAL C 12 -49.48 -7.51 -11.05
N GLU C 13 -50.52 -6.79 -10.67
CA GLU C 13 -51.05 -5.67 -11.44
C GLU C 13 -50.06 -4.53 -11.63
N GLN C 14 -49.22 -4.30 -10.67
CA GLN C 14 -48.28 -3.21 -10.78
C GLN C 14 -47.36 -3.38 -11.98
N LEU C 15 -46.87 -4.59 -12.20
CA LEU C 15 -45.98 -4.81 -13.31
C LEU C 15 -46.68 -4.50 -14.61
N LYS C 16 -47.92 -4.95 -14.75
CA LYS C 16 -48.68 -4.60 -15.94
C LYS C 16 -48.81 -3.09 -16.02
N MET C 17 -49.41 -2.50 -15.00
CA MET C 17 -49.61 -1.06 -14.97
C MET C 17 -48.35 -0.34 -15.39
N GLU C 18 -47.21 -0.81 -14.89
CA GLU C 18 -45.94 -0.15 -15.17
C GLU C 18 -45.59 -0.08 -16.64
N ALA C 19 -45.91 -1.11 -17.40
CA ALA C 19 -45.58 -1.12 -18.81
C ALA C 19 -46.57 -0.39 -19.72
N ASN C 20 -46.73 0.91 -19.51
CA ASN C 20 -47.60 1.75 -20.34
C ASN C 20 -46.99 3.13 -20.44
N ILE C 21 -45.80 3.25 -21.03
CA ILE C 21 -45.13 4.56 -21.09
C ILE C 21 -44.48 4.97 -22.40
N ASP C 22 -44.44 6.27 -22.62
CA ASP C 22 -43.89 6.88 -23.82
C ASP C 22 -42.57 6.29 -24.33
N ARG C 23 -42.47 6.10 -25.65
CA ARG C 23 -41.28 5.57 -26.32
C ARG C 23 -40.94 6.24 -27.62
N ILE C 24 -39.85 5.81 -28.22
CA ILE C 24 -39.43 6.44 -29.45
C ILE C 24 -38.57 5.48 -30.22
N LYS C 25 -38.34 5.77 -31.48
CA LYS C 25 -37.57 4.86 -32.33
C LYS C 25 -36.13 4.70 -31.89
N VAL C 26 -35.53 3.52 -32.12
CA VAL C 26 -34.14 3.33 -31.72
C VAL C 26 -33.22 4.26 -32.51
N SER C 27 -33.50 4.47 -33.79
CA SER C 27 -32.63 5.27 -34.63
C SER C 27 -32.54 6.70 -34.14
N LYS C 28 -33.65 7.26 -33.67
CA LYS C 28 -33.64 8.63 -33.16
C LYS C 28 -32.72 8.76 -31.94
N ALA C 29 -32.82 7.82 -31.02
CA ALA C 29 -31.97 7.85 -29.82
C ALA C 29 -30.51 7.65 -30.19
N ALA C 30 -30.23 6.74 -31.12
CA ALA C 30 -28.85 6.54 -31.55
C ALA C 30 -28.29 7.80 -32.20
N ALA C 31 -29.11 8.47 -33.02
CA ALA C 31 -28.68 9.72 -33.64
C ALA C 31 -28.42 10.80 -32.60
N ASP C 32 -29.27 10.88 -31.58
CA ASP C 32 -29.06 11.86 -30.51
C ASP C 32 -27.76 11.58 -29.76
N LEU C 33 -27.48 10.30 -29.48
CA LEU C 33 -26.25 9.96 -28.80
C LEU C 33 -25.03 10.29 -29.66
N MET C 34 -25.11 10.00 -30.96
CA MET C 34 -24.02 10.36 -31.87
C MET C 34 -23.81 11.87 -31.93
N ALA C 35 -24.90 12.63 -31.93
CA ALA C 35 -24.80 14.09 -31.96
C ALA C 35 -24.13 14.62 -30.69
N TYR C 36 -24.51 14.07 -29.53
CA TYR C 36 -23.86 14.50 -28.29
C TYR C 36 -22.38 14.13 -28.31
N CYS C 37 -22.03 12.95 -28.83
CA CYS C 37 -20.63 12.56 -28.91
C CYS C 37 -19.84 13.50 -29.80
N GLU C 38 -20.39 13.94 -30.93
CA GLU C 38 -19.71 14.86 -31.83
C GLU C 38 -19.69 16.27 -31.33
N ALA C 39 -20.59 16.56 -30.42
CA ALA C 39 -20.68 17.95 -29.97
C ALA C 39 -19.50 18.34 -29.10
N HIS C 40 -18.91 17.43 -28.37
CA HIS C 40 -17.81 17.79 -27.54
C HIS C 40 -16.48 17.16 -27.88
N ALA C 41 -16.22 16.85 -29.13
CA ALA C 41 -14.96 16.20 -29.44
C ALA C 41 -13.73 17.01 -29.12
N LYS C 42 -13.80 18.33 -29.24
CA LYS C 42 -12.60 19.17 -29.05
C LYS C 42 -12.22 19.50 -27.65
N GLU C 43 -12.97 19.02 -26.70
CA GLU C 43 -12.63 19.17 -25.30
C GLU C 43 -12.32 17.81 -24.66
N ASP C 44 -11.87 16.86 -25.43
CA ASP C 44 -11.61 15.57 -24.90
C ASP C 44 -10.16 15.28 -25.00
N PRO C 45 -9.48 15.41 -23.90
CA PRO C 45 -8.03 15.18 -23.87
C PRO C 45 -7.63 13.75 -24.20
N LEU C 46 -8.47 12.77 -23.86
CA LEU C 46 -8.11 11.38 -24.07
C LEU C 46 -8.24 10.93 -25.52
N LEU C 47 -8.93 11.70 -26.36
CA LEU C 47 -8.96 11.38 -27.79
C LEU C 47 -7.71 11.90 -28.48
N THR C 48 -7.51 13.22 -28.48
CA THR C 48 -6.29 13.83 -28.97
C THR C 48 -5.45 14.28 -27.78
N PRO C 49 -4.29 13.67 -27.56
CA PRO C 49 -3.47 14.06 -26.39
C PRO C 49 -3.06 15.52 -26.47
N VAL C 50 -3.05 16.16 -25.30
CA VAL C 50 -2.66 17.57 -25.18
C VAL C 50 -1.16 17.67 -25.37
N PRO C 51 -0.65 18.75 -25.95
CA PRO C 51 0.81 18.99 -25.93
C PRO C 51 1.29 19.10 -24.49
N ALA C 52 2.55 18.69 -24.27
CA ALA C 52 3.04 18.54 -22.91
C ALA C 52 3.42 19.89 -22.29
N SER C 53 2.51 20.86 -22.37
CA SER C 53 2.71 22.15 -21.71
C SER C 53 1.44 22.67 -21.06
N GLU C 54 0.30 21.97 -21.19
CA GLU C 54 -0.95 22.39 -20.58
C GLU C 54 -1.43 21.46 -19.48
N ASN C 55 -1.03 20.19 -19.49
CA ASN C 55 -1.40 19.27 -18.45
C ASN C 55 -0.51 19.43 -17.22
N PRO C 56 -0.98 19.02 -16.04
CA PRO C 56 -0.13 19.01 -14.85
C PRO C 56 0.59 17.69 -14.61
N PHE C 57 0.49 16.74 -15.54
CA PHE C 57 1.22 15.48 -15.46
C PHE C 57 2.32 15.42 -16.52
N ARG C 58 2.95 16.56 -16.78
CA ARG C 58 4.05 16.64 -17.73
C ARG C 58 5.22 15.79 -17.25
N GLU C 59 6.04 15.36 -18.21
CA GLU C 59 7.16 14.46 -17.97
C GLU C 59 6.66 13.14 -17.38
N PRO D 31 56.41 -20.62 -23.96
CA PRO D 31 55.57 -21.53 -24.74
C PRO D 31 54.22 -20.93 -25.08
N ARG D 32 53.29 -21.77 -25.53
CA ARG D 32 51.94 -21.31 -25.83
C ARG D 32 51.27 -20.77 -24.56
N ALA D 33 50.64 -19.60 -24.69
CA ALA D 33 50.00 -18.93 -23.56
C ALA D 33 48.58 -19.47 -23.40
N ILE D 34 48.50 -20.78 -23.11
CA ILE D 34 47.21 -21.40 -22.81
C ILE D 34 46.74 -21.07 -21.40
N LEU D 35 47.58 -20.47 -20.58
CA LEU D 35 47.19 -19.99 -19.26
C LEU D 35 46.52 -18.63 -19.31
N TYR D 36 46.42 -18.02 -20.48
CA TYR D 36 45.74 -16.74 -20.62
C TYR D 36 44.23 -16.91 -20.61
N GLY D 37 43.73 -17.73 -21.50
CA GLY D 37 42.30 -17.93 -21.62
C GLY D 37 41.60 -18.39 -20.37
N VAL D 38 41.97 -19.57 -19.91
CA VAL D 38 41.34 -20.11 -18.74
C VAL D 38 41.55 -19.19 -17.56
N LEU D 39 42.80 -18.94 -17.24
CA LEU D 39 43.11 -18.13 -16.11
C LEU D 39 42.52 -16.76 -16.26
N GLY D 40 42.10 -16.42 -17.48
CA GLY D 40 41.57 -15.09 -17.75
C GLY D 40 40.10 -15.10 -18.09
N LEU D 41 39.44 -16.24 -17.85
CA LEU D 41 38.00 -16.35 -17.96
C LEU D 41 37.31 -16.06 -16.63
N GLY D 42 38.07 -15.68 -15.62
CA GLY D 42 37.53 -15.35 -14.32
C GLY D 42 37.45 -13.86 -14.06
N ALA D 43 38.44 -13.10 -14.56
CA ALA D 43 38.44 -11.66 -14.35
C ALA D 43 37.23 -11.00 -14.98
N LEU D 44 36.91 -11.42 -16.21
CA LEU D 44 35.81 -10.85 -16.90
C LEU D 44 34.55 -11.16 -16.19
N LEU D 45 34.38 -12.42 -15.86
CA LEU D 45 33.16 -12.88 -15.22
C LEU D 45 33.01 -12.34 -13.81
N ALA D 46 34.09 -11.88 -13.19
CA ALA D 46 34.04 -11.26 -11.87
C ALA D 46 33.97 -9.74 -11.93
N VAL D 47 34.07 -9.14 -13.11
CA VAL D 47 33.85 -7.71 -13.26
C VAL D 47 32.63 -7.38 -14.11
N PHE D 48 32.14 -8.32 -14.92
CA PHE D 48 30.93 -8.11 -15.72
C PHE D 48 29.72 -8.83 -15.15
N GLY D 49 29.89 -10.04 -14.63
CA GLY D 49 28.83 -10.79 -14.00
C GLY D 49 28.67 -10.55 -12.52
N ASN D 50 29.44 -9.62 -11.95
CA ASN D 50 29.43 -9.37 -10.52
C ASN D 50 28.75 -8.07 -10.14
N LEU D 51 28.95 -7.00 -10.92
CA LEU D 51 28.31 -5.73 -10.62
C LEU D 51 26.82 -5.75 -10.92
N LEU D 52 26.39 -6.64 -11.84
CA LEU D 52 24.97 -6.77 -12.14
C LEU D 52 24.17 -7.16 -10.91
N VAL D 53 24.77 -7.95 -10.00
CA VAL D 53 24.08 -8.31 -8.77
C VAL D 53 23.79 -7.07 -7.95
N ILE D 54 24.77 -6.17 -7.83
CA ILE D 54 24.58 -4.95 -7.05
C ILE D 54 23.53 -4.06 -7.73
N ILE D 55 23.58 -3.99 -9.06
CA ILE D 55 22.60 -3.18 -9.79
C ILE D 55 21.19 -3.70 -9.53
N ALA D 56 21.01 -5.02 -9.62
CA ALA D 56 19.70 -5.66 -9.45
C ALA D 56 19.28 -5.75 -7.99
N ILE D 57 20.18 -5.46 -7.06
CA ILE D 57 19.83 -5.44 -5.65
C ILE D 57 19.51 -4.02 -5.16
N LEU D 58 20.10 -3.01 -5.79
CA LEU D 58 19.81 -1.62 -5.43
C LEU D 58 18.61 -1.07 -6.19
N HIS D 59 18.49 -1.39 -7.45
CA HIS D 59 17.45 -0.89 -8.28
C HIS D 59 16.08 -1.39 -8.07
N PHE D 60 15.88 -2.72 -8.06
CA PHE D 60 14.54 -3.30 -7.90
C PHE D 60 13.98 -3.20 -6.50
N LYS D 61 12.71 -3.46 -6.34
CA LYS D 61 12.09 -3.15 -5.07
C LYS D 61 11.77 -4.22 -4.09
N GLN D 62 11.37 -5.38 -4.59
CA GLN D 62 11.07 -6.48 -3.73
C GLN D 62 12.36 -7.26 -3.40
N LEU D 63 13.52 -6.60 -3.45
CA LEU D 63 14.75 -7.29 -3.19
C LEU D 63 15.43 -6.66 -2.01
N HIS D 64 14.99 -5.50 -1.60
CA HIS D 64 15.55 -4.91 -0.41
C HIS D 64 15.00 -5.71 0.69
N THR D 65 15.76 -6.63 1.21
CA THR D 65 15.35 -7.58 2.23
C THR D 65 16.66 -7.97 2.92
N PRO D 66 16.68 -8.03 4.26
CA PRO D 66 17.93 -8.30 4.98
C PRO D 66 18.76 -9.44 4.39
N THR D 67 18.16 -10.37 3.65
CA THR D 67 18.91 -11.47 3.06
C THR D 67 19.49 -11.13 1.69
N ASN D 68 19.17 -9.98 1.16
CA ASN D 68 19.78 -9.62 -0.08
C ASN D 68 20.81 -8.51 0.11
N PHE D 69 21.05 -8.12 1.33
CA PHE D 69 22.15 -7.20 1.63
C PHE D 69 23.45 -7.95 1.83
N LEU D 70 23.40 -9.13 2.45
CA LEU D 70 24.54 -10.02 2.62
C LEU D 70 25.01 -10.62 1.31
N VAL D 71 24.22 -10.53 0.25
CA VAL D 71 24.65 -10.91 -1.09
C VAL D 71 25.27 -9.73 -1.83
N ALA D 72 24.71 -8.53 -1.70
CA ALA D 72 25.31 -7.35 -2.30
C ALA D 72 26.69 -7.08 -1.73
N SER D 73 26.83 -7.22 -0.41
CA SER D 73 28.12 -6.99 0.24
C SER D 73 29.17 -7.99 -0.24
N LEU D 74 28.78 -9.26 -0.36
CA LEU D 74 29.67 -10.27 -0.91
C LEU D 74 30.06 -9.99 -2.36
N ALA D 75 29.10 -9.55 -3.18
CA ALA D 75 29.43 -9.16 -4.54
C ALA D 75 30.38 -7.96 -4.55
N CYS D 76 30.25 -7.06 -3.58
CA CYS D 76 31.16 -5.92 -3.50
C CYS D 76 32.58 -6.38 -3.17
N ALA D 77 32.72 -7.29 -2.21
CA ALA D 77 34.04 -7.83 -1.88
C ALA D 77 34.65 -8.55 -3.08
N ASP D 78 33.86 -9.36 -3.77
CA ASP D 78 34.37 -10.05 -4.96
C ASP D 78 34.74 -9.07 -6.06
N PHE D 79 33.99 -7.98 -6.21
CA PHE D 79 34.33 -6.96 -7.19
C PHE D 79 35.64 -6.27 -6.84
N LEU D 80 35.83 -5.97 -5.55
CA LEU D 80 37.10 -5.37 -5.11
C LEU D 80 38.27 -6.30 -5.39
N VAL D 81 38.08 -7.61 -5.19
CA VAL D 81 39.15 -8.56 -5.52
C VAL D 81 39.40 -8.56 -7.02
N GLY D 82 38.33 -8.68 -7.82
CA GLY D 82 38.47 -8.88 -9.25
C GLY D 82 38.92 -7.65 -10.02
N VAL D 83 38.75 -6.47 -9.45
CA VAL D 83 39.23 -5.25 -10.11
C VAL D 83 40.71 -5.04 -9.83
N THR D 84 41.15 -5.29 -8.60
CA THR D 84 42.52 -4.96 -8.20
C THR D 84 43.48 -6.13 -8.37
N VAL D 85 43.23 -7.25 -7.69
CA VAL D 85 44.26 -8.27 -7.54
C VAL D 85 44.38 -9.10 -8.81
N MET D 86 43.27 -9.61 -9.32
CA MET D 86 43.31 -10.56 -10.43
C MET D 86 43.93 -9.98 -11.69
N PRO D 87 43.55 -8.79 -12.17
CA PRO D 87 44.22 -8.27 -13.38
C PRO D 87 45.71 -8.02 -13.20
N PHE D 88 46.14 -7.69 -11.99
CA PHE D 88 47.57 -7.47 -11.77
C PHE D 88 48.32 -8.77 -11.54
N SER D 89 47.68 -9.75 -10.97
CA SER D 89 48.38 -10.96 -10.73
C SER D 89 48.30 -11.97 -11.84
N THR D 90 47.45 -11.74 -12.84
CA THR D 90 47.26 -12.74 -13.89
C THR D 90 48.53 -12.97 -14.71
N VAL D 91 48.90 -11.99 -15.52
CA VAL D 91 50.08 -12.13 -16.37
C VAL D 91 51.32 -12.37 -15.52
N ARG D 92 51.31 -11.85 -14.30
CA ARG D 92 52.44 -12.04 -13.40
C ARG D 92 52.71 -13.52 -13.22
N SER D 93 51.66 -14.29 -12.97
CA SER D 93 51.82 -15.73 -12.79
C SER D 93 52.26 -16.39 -14.09
N VAL D 94 52.04 -15.72 -15.21
CA VAL D 94 52.41 -16.28 -16.50
C VAL D 94 53.84 -15.91 -16.84
N GLU D 95 54.13 -14.60 -16.89
CA GLU D 95 55.45 -14.15 -17.30
C GLU D 95 56.53 -14.57 -16.30
N SER D 96 56.16 -14.75 -15.03
CA SER D 96 57.05 -15.08 -13.93
C SER D 96 58.05 -13.98 -13.63
N CYS D 97 57.89 -12.80 -14.23
CA CYS D 97 58.75 -11.66 -13.99
C CYS D 97 57.91 -10.48 -13.52
N TRP D 98 58.49 -9.65 -12.67
CA TRP D 98 57.83 -8.47 -12.11
C TRP D 98 58.10 -7.27 -13.02
N TYR D 99 57.03 -6.69 -13.56
CA TYR D 99 57.14 -5.55 -14.45
C TYR D 99 56.21 -4.41 -14.03
N PHE D 100 56.08 -4.18 -12.73
CA PHE D 100 55.23 -3.10 -12.24
C PHE D 100 55.85 -2.26 -11.14
N GLY D 101 56.93 -2.68 -10.51
CA GLY D 101 57.51 -1.89 -9.43
C GLY D 101 56.99 -2.32 -8.07
N GLU D 102 57.81 -2.07 -7.04
CA GLU D 102 57.49 -2.49 -5.69
C GLU D 102 56.57 -1.53 -4.96
N SER D 103 56.19 -0.41 -5.59
CA SER D 103 55.35 0.57 -4.93
C SER D 103 53.92 0.09 -4.72
N TYR D 104 53.52 -1.02 -5.34
CA TYR D 104 52.16 -1.53 -5.19
C TYR D 104 52.18 -2.91 -4.55
N CYS D 105 53.29 -3.65 -4.71
CA CYS D 105 53.38 -5.01 -4.21
C CYS D 105 52.97 -5.10 -2.75
N LYS D 106 53.50 -4.20 -1.92
CA LYS D 106 53.10 -4.14 -0.52
C LYS D 106 51.59 -4.13 -0.38
N PHE D 107 50.95 -3.13 -0.99
CA PHE D 107 49.49 -3.04 -0.94
C PHE D 107 48.86 -4.31 -1.52
N HIS D 108 49.48 -4.87 -2.57
CA HIS D 108 48.96 -6.09 -3.17
C HIS D 108 48.86 -7.21 -2.15
N THR D 109 49.84 -7.30 -1.24
CA THR D 109 49.75 -8.28 -0.18
C THR D 109 48.80 -7.83 0.92
N CYS D 110 48.75 -6.52 1.18
CA CYS D 110 47.95 -6.02 2.30
C CYS D 110 46.46 -6.11 2.01
N PHE D 111 46.05 -5.70 0.79
CA PHE D 111 44.64 -5.69 0.45
C PHE D 111 44.10 -7.09 0.17
N ASP D 112 44.87 -7.94 -0.52
CA ASP D 112 44.36 -9.23 -0.94
C ASP D 112 43.98 -10.10 0.25
N THR D 113 44.83 -10.16 1.26
CA THR D 113 44.52 -10.93 2.46
C THR D 113 43.33 -10.37 3.21
N SER D 114 42.96 -9.10 2.97
CA SER D 114 41.75 -8.55 3.56
C SER D 114 40.52 -8.90 2.73
N PHE D 115 40.57 -8.61 1.43
CA PHE D 115 39.38 -8.76 0.59
C PHE D 115 38.98 -10.22 0.44
N CYS D 116 39.93 -11.08 0.06
CA CYS D 116 39.62 -12.49 -0.16
C CYS D 116 39.03 -13.14 1.09
N PHE D 117 39.72 -12.97 2.23
CA PHE D 117 39.18 -13.45 3.49
C PHE D 117 37.78 -12.94 3.74
N ALA D 118 37.52 -11.67 3.38
CA ALA D 118 36.19 -11.10 3.57
C ALA D 118 35.13 -11.98 2.93
N SER D 119 35.39 -12.43 1.70
CA SER D 119 34.44 -13.32 1.01
C SER D 119 34.08 -14.50 1.90
N LEU D 120 35.08 -15.18 2.44
CA LEU D 120 34.82 -16.31 3.32
C LEU D 120 34.00 -15.87 4.53
N PHE D 121 34.37 -14.75 5.14
CA PHE D 121 33.64 -14.27 6.31
C PHE D 121 32.19 -13.95 5.98
N HIS D 122 31.88 -13.68 4.71
CA HIS D 122 30.49 -13.49 4.32
C HIS D 122 29.74 -14.80 4.33
N LEU D 123 30.35 -15.86 3.76
CA LEU D 123 29.62 -17.10 3.51
C LEU D 123 29.02 -17.66 4.78
N CYS D 124 29.82 -17.74 5.84
CA CYS D 124 29.34 -18.16 7.15
C CYS D 124 28.00 -17.51 7.47
N CYS D 125 27.97 -16.17 7.48
CA CYS D 125 26.74 -15.45 7.79
C CYS D 125 25.59 -15.87 6.90
N ILE D 126 25.81 -15.95 5.58
CA ILE D 126 24.74 -16.36 4.69
C ILE D 126 24.18 -17.71 5.11
N SER D 127 25.07 -18.65 5.43
CA SER D 127 24.61 -19.97 5.86
C SER D 127 23.69 -19.85 7.07
N ILE D 128 24.11 -19.06 8.07
CA ILE D 128 23.26 -18.88 9.25
C ILE D 128 21.90 -18.36 8.82
N ASP D 129 21.89 -17.36 7.94
CA ASP D 129 20.64 -16.86 7.36
C ASP D 129 19.77 -18.03 6.90
N ARG D 130 20.30 -18.85 5.99
CA ARG D 130 19.51 -19.95 5.45
C ARG D 130 18.96 -20.83 6.57
N TYR D 131 19.80 -21.13 7.56
CA TYR D 131 19.35 -22.00 8.64
C TYR D 131 18.16 -21.39 9.36
N ILE D 132 18.25 -20.09 9.69
CA ILE D 132 17.16 -19.45 10.42
C ILE D 132 15.90 -19.33 9.60
N ALA D 133 15.98 -19.53 8.29
CA ALA D 133 14.79 -19.50 7.45
C ALA D 133 14.09 -20.84 7.37
N VAL D 134 14.74 -21.93 7.79
CA VAL D 134 14.15 -23.25 7.64
C VAL D 134 13.75 -23.80 9.01
N THR D 135 14.67 -23.73 9.98
CA THR D 135 14.37 -24.23 11.31
C THR D 135 13.37 -23.37 12.06
N ASP D 136 13.10 -22.16 11.57
CA ASP D 136 12.15 -21.25 12.24
C ASP D 136 11.54 -20.35 11.18
N PRO D 137 10.40 -20.76 10.60
CA PRO D 137 9.79 -19.96 9.54
C PRO D 137 8.73 -18.97 10.00
N LEU D 138 8.30 -19.03 11.26
CA LEU D 138 7.26 -18.11 11.73
C LEU D 138 7.86 -16.76 12.12
N THR D 139 8.95 -16.77 12.89
CA THR D 139 9.56 -15.56 13.41
C THR D 139 10.75 -15.09 12.58
N TYR D 140 10.92 -15.62 11.38
CA TYR D 140 12.04 -15.19 10.54
C TYR D 140 11.99 -13.72 10.19
N PRO D 141 10.85 -13.13 9.77
CA PRO D 141 10.85 -11.68 9.56
C PRO D 141 11.10 -10.87 10.83
N THR D 142 10.82 -11.44 11.99
CA THR D 142 10.92 -10.71 13.25
C THR D 142 12.28 -10.83 13.91
N LYS D 143 13.20 -11.61 13.35
CA LYS D 143 14.53 -11.77 13.93
C LYS D 143 15.66 -11.42 12.97
N PHE D 144 15.47 -11.60 11.67
CA PHE D 144 16.47 -11.22 10.68
C PHE D 144 16.07 -9.86 10.10
N THR D 145 16.35 -8.82 10.87
CA THR D 145 16.05 -7.45 10.47
C THR D 145 17.28 -6.80 9.85
N VAL D 146 17.06 -5.63 9.23
CA VAL D 146 18.12 -4.95 8.49
C VAL D 146 19.30 -4.63 9.38
N SER D 147 19.05 -4.33 10.66
CA SER D 147 20.13 -4.01 11.58
C SER D 147 21.09 -5.19 11.73
N VAL D 148 20.58 -6.41 11.82
CA VAL D 148 21.44 -7.58 11.98
C VAL D 148 22.25 -7.83 10.71
N SER D 149 21.63 -7.63 9.54
CA SER D 149 22.36 -7.80 8.28
C SER D 149 23.50 -6.79 8.17
N GLY D 150 23.22 -5.52 8.46
CA GLY D 150 24.27 -4.52 8.46
C GLY D 150 25.35 -4.81 9.48
N LEU D 151 24.96 -5.31 10.65
CA LEU D 151 25.94 -5.69 11.67
C LEU D 151 26.86 -6.79 11.16
N CYS D 152 26.30 -7.79 10.50
CA CYS D 152 27.12 -8.87 9.96
C CYS D 152 28.09 -8.34 8.91
N ILE D 153 27.60 -7.48 8.01
CA ILE D 153 28.47 -6.92 6.98
C ILE D 153 29.62 -6.15 7.61
N ALA D 154 29.29 -5.24 8.54
CA ALA D 154 30.30 -4.41 9.17
C ALA D 154 31.31 -5.26 9.93
N LEU D 155 30.84 -6.27 10.65
CA LEU D 155 31.76 -7.12 11.41
C LEU D 155 32.71 -7.88 10.50
N SER D 156 32.19 -8.45 9.40
CA SER D 156 33.06 -9.19 8.49
C SER D 156 34.11 -8.29 7.87
N TRP D 157 33.68 -7.13 7.36
CA TRP D 157 34.63 -6.21 6.72
C TRP D 157 35.68 -5.73 7.72
N PHE D 158 35.24 -5.35 8.93
CA PHE D 158 36.17 -4.87 9.94
C PHE D 158 37.17 -5.93 10.36
N PHE D 159 36.72 -7.17 10.56
CA PHE D 159 37.65 -8.22 10.95
C PHE D 159 38.68 -8.49 9.85
N SER D 160 38.23 -8.55 8.60
CA SER D 160 39.17 -8.79 7.50
C SER D 160 40.21 -7.69 7.43
N VAL D 161 39.76 -6.43 7.49
CA VAL D 161 40.70 -5.32 7.35
C VAL D 161 41.64 -5.24 8.56
N THR D 162 41.12 -5.50 9.77
CA THR D 162 41.97 -5.47 10.96
C THR D 162 43.04 -6.54 10.88
N TYR D 163 42.67 -7.76 10.49
CA TYR D 163 43.68 -8.81 10.37
C TYR D 163 44.72 -8.46 9.31
N SER D 164 44.29 -7.91 8.17
CA SER D 164 45.25 -7.55 7.13
C SER D 164 46.20 -6.45 7.60
N PHE D 165 45.67 -5.44 8.29
CA PHE D 165 46.48 -4.31 8.72
C PHE D 165 47.37 -4.65 9.90
N SER D 166 47.03 -5.67 10.69
CA SER D 166 47.86 -6.05 11.83
C SER D 166 48.84 -7.16 11.53
N ILE D 167 48.60 -7.97 10.50
CA ILE D 167 49.46 -9.10 10.18
C ILE D 167 50.50 -8.73 9.12
N PHE D 168 50.09 -7.98 8.09
CA PHE D 168 50.95 -7.72 6.93
C PHE D 168 51.49 -6.30 6.90
N TYR D 169 50.67 -5.30 7.23
CA TYR D 169 51.12 -3.91 7.14
C TYR D 169 52.28 -3.64 8.10
N THR D 170 52.14 -4.10 9.35
CA THR D 170 53.22 -3.91 10.32
C THR D 170 54.41 -4.80 9.99
N GLY D 171 54.14 -6.05 9.61
CA GLY D 171 55.21 -6.98 9.28
C GLY D 171 55.40 -8.06 10.32
N CYS D 190 57.58 -11.05 -5.74
CA CYS D 190 57.34 -9.78 -5.08
C CYS D 190 56.54 -10.01 -3.81
N GLN D 191 56.68 -11.20 -3.23
CA GLN D 191 55.93 -11.59 -2.05
C GLN D 191 56.69 -12.68 -1.32
N ALA D 192 56.22 -12.99 -0.13
CA ALA D 192 56.87 -14.00 0.67
C ALA D 192 55.84 -14.63 1.56
N PRO D 193 56.09 -15.85 1.97
CA PRO D 193 55.09 -16.54 2.79
C PRO D 193 55.18 -16.15 4.26
N LEU D 194 54.34 -16.80 5.05
CA LEU D 194 54.23 -16.50 6.47
C LEU D 194 55.31 -17.24 7.27
N ASN D 195 55.46 -16.83 8.52
CA ASN D 195 56.40 -17.45 9.46
C ASN D 195 55.69 -18.55 10.24
N GLN D 196 56.32 -19.03 11.31
CA GLN D 196 55.76 -20.11 12.12
C GLN D 196 55.06 -19.56 13.37
N ASN D 197 54.45 -18.39 13.25
CA ASN D 197 53.70 -17.85 14.38
C ASN D 197 52.26 -17.50 14.04
N TRP D 198 52.01 -16.96 12.84
CA TRP D 198 50.67 -16.56 12.44
C TRP D 198 49.93 -17.64 11.67
N VAL D 199 50.58 -18.76 11.34
CA VAL D 199 49.91 -19.80 10.56
C VAL D 199 48.82 -20.48 11.39
N LEU D 200 49.07 -20.67 12.69
CA LEU D 200 48.06 -21.28 13.55
C LEU D 200 46.80 -20.41 13.62
N LEU D 201 46.97 -19.10 13.73
CA LEU D 201 45.85 -18.18 13.77
C LEU D 201 45.18 -18.02 12.40
N CYS D 202 45.93 -18.19 11.31
CA CYS D 202 45.33 -18.22 9.99
C CYS D 202 44.57 -19.53 9.74
N PHE D 203 44.92 -20.59 10.46
CA PHE D 203 44.29 -21.90 10.30
C PHE D 203 43.00 -22.00 11.10
N LEU D 204 43.05 -21.60 12.37
CA LEU D 204 41.86 -21.66 13.23
C LEU D 204 40.78 -20.72 12.71
N LEU D 205 41.20 -19.54 12.26
CA LEU D 205 40.25 -18.54 11.75
C LEU D 205 39.59 -19.02 10.47
N PHE D 206 40.21 -19.96 9.76
CA PHE D 206 39.58 -20.58 8.60
C PHE D 206 38.71 -21.76 9.00
N PHE D 207 39.14 -22.53 9.99
CA PHE D 207 38.38 -23.68 10.38
C PHE D 207 37.11 -23.41 11.08
N LEU D 208 37.04 -22.34 11.81
CA LEU D 208 35.78 -22.02 12.49
C LEU D 208 34.62 -21.81 11.51
N PRO D 209 34.72 -20.95 10.49
CA PRO D 209 33.60 -20.84 9.54
C PRO D 209 33.30 -22.13 8.80
N THR D 210 34.31 -22.93 8.48
CA THR D 210 34.06 -24.19 7.79
C THR D 210 33.21 -25.12 8.64
N VAL D 211 33.55 -25.23 9.94
CA VAL D 211 32.78 -26.09 10.84
C VAL D 211 31.35 -25.57 10.96
N VAL D 212 31.20 -24.25 11.14
CA VAL D 212 29.85 -23.70 11.29
C VAL D 212 29.02 -23.98 10.04
N MET D 213 29.60 -23.75 8.86
CA MET D 213 28.86 -23.93 7.61
C MET D 213 28.48 -25.39 7.39
N VAL D 214 29.42 -26.32 7.62
CA VAL D 214 29.09 -27.72 7.39
C VAL D 214 28.03 -28.20 8.36
N PHE D 215 28.12 -27.78 9.63
CA PHE D 215 27.11 -28.19 10.60
C PHE D 215 25.73 -27.64 10.23
N LEU D 216 25.65 -26.37 9.85
CA LEU D 216 24.36 -25.77 9.53
C LEU D 216 23.75 -26.39 8.29
N TYR D 217 24.56 -26.64 7.26
CA TYR D 217 24.01 -27.26 6.06
C TYR D 217 23.62 -28.71 6.31
N GLY D 218 24.35 -29.42 7.16
CA GLY D 218 23.93 -30.76 7.53
C GLY D 218 22.59 -30.76 8.25
N ARG D 219 22.39 -29.82 9.17
CA ARG D 219 21.10 -29.74 9.86
C ARG D 219 19.98 -29.38 8.89
N ILE D 220 20.28 -28.51 7.92
CA ILE D 220 19.26 -28.13 6.94
C ILE D 220 18.88 -29.36 6.10
N PHE D 221 19.86 -30.16 5.71
CA PHE D 221 19.58 -31.38 4.97
C PHE D 221 18.76 -32.37 5.81
N LEU D 222 19.09 -32.49 7.10
CA LEU D 222 18.33 -33.39 7.96
C LEU D 222 16.89 -32.93 8.11
N VAL D 223 16.66 -31.61 8.20
CA VAL D 223 15.30 -31.10 8.27
C VAL D 223 14.55 -31.39 6.97
N ALA D 224 15.21 -31.16 5.83
CA ALA D 224 14.58 -31.47 4.54
C ALA D 224 14.41 -32.96 4.31
N LYS D 225 15.06 -33.81 5.11
CA LYS D 225 14.89 -35.26 5.04
C LYS D 225 13.50 -35.72 5.42
N TYR D 226 13.02 -35.30 6.60
CA TYR D 226 11.73 -35.69 7.15
C TYR D 226 10.50 -34.95 6.77
N GLN D 227 10.58 -34.21 5.73
CA GLN D 227 9.38 -33.60 5.17
C GLN D 227 9.23 -33.92 3.69
N ALA D 228 10.17 -34.67 3.12
CA ALA D 228 9.91 -35.40 1.89
C ALA D 228 9.30 -36.76 2.16
N ARG D 229 9.35 -37.21 3.41
CA ARG D 229 8.75 -38.46 3.87
C ARG D 229 7.28 -38.31 4.19
N LYS D 230 6.90 -37.27 4.92
CA LYS D 230 5.49 -37.04 5.25
C LYS D 230 4.65 -36.69 4.06
N ILE D 231 5.21 -35.90 3.16
CA ILE D 231 4.47 -35.49 1.96
C ILE D 231 4.09 -36.67 1.09
N GLU D 232 4.87 -37.75 1.16
CA GLU D 232 4.61 -38.91 0.33
C GLU D 232 4.12 -40.07 1.14
N GLY D 233 2.86 -40.41 0.96
CA GLY D 233 2.28 -41.47 1.77
C GLY D 233 0.78 -41.38 1.88
N SER D 244 6.22 -46.03 2.06
CA SER D 244 6.58 -44.89 1.21
C SER D 244 7.13 -45.38 -0.13
N TYR D 245 6.78 -44.67 -1.20
CA TYR D 245 7.26 -45.04 -2.53
C TYR D 245 8.76 -44.79 -2.63
N LYS D 246 9.50 -45.82 -3.03
CA LYS D 246 10.96 -45.70 -3.14
C LYS D 246 11.36 -44.69 -4.20
N GLU D 247 10.68 -44.70 -5.35
CA GLU D 247 10.98 -43.76 -6.42
C GLU D 247 10.50 -42.35 -6.11
N ARG D 248 9.73 -42.15 -5.04
CA ARG D 248 9.22 -40.84 -4.68
C ARG D 248 9.90 -40.22 -3.48
N VAL D 249 10.58 -41.01 -2.64
CA VAL D 249 11.34 -40.47 -1.52
C VAL D 249 12.80 -40.45 -1.93
N ALA D 250 13.04 -40.67 -3.23
CA ALA D 250 14.39 -40.54 -3.80
C ALA D 250 14.47 -39.59 -4.98
N LYS D 251 13.37 -39.31 -5.67
CA LYS D 251 13.30 -38.24 -6.65
C LYS D 251 13.13 -36.87 -5.99
N ARG D 252 12.67 -36.85 -4.74
CA ARG D 252 12.54 -35.64 -3.94
C ARG D 252 13.75 -35.38 -3.05
N GLU D 253 14.50 -36.42 -2.71
CA GLU D 253 15.59 -36.33 -1.74
C GLU D 253 16.93 -36.12 -2.45
N ARG D 254 16.88 -35.86 -3.75
CA ARG D 254 18.06 -35.62 -4.57
C ARG D 254 18.29 -34.14 -4.85
N LYS D 255 17.19 -33.41 -4.93
CA LYS D 255 17.33 -32.03 -5.20
C LYS D 255 18.14 -31.32 -4.11
N ALA D 256 17.75 -31.45 -2.88
CA ALA D 256 18.45 -30.80 -1.77
C ALA D 256 19.90 -31.26 -1.68
N ALA D 257 20.15 -32.55 -1.91
CA ALA D 257 21.52 -33.06 -1.86
C ALA D 257 22.38 -32.37 -2.91
N LYS D 258 21.87 -32.27 -4.15
CA LYS D 258 22.63 -31.59 -5.20
C LYS D 258 22.84 -30.11 -4.87
N THR D 259 21.78 -29.44 -4.40
CA THR D 259 21.87 -28.01 -4.15
C THR D 259 22.88 -27.69 -3.06
N LEU D 260 22.90 -28.47 -1.99
CA LEU D 260 23.87 -28.24 -0.93
C LEU D 260 25.27 -28.69 -1.32
N GLY D 261 25.38 -29.81 -2.05
CA GLY D 261 26.68 -30.32 -2.43
C GLY D 261 27.43 -29.40 -3.37
N ILE D 262 26.71 -28.74 -4.28
CA ILE D 262 27.39 -27.82 -5.19
C ILE D 262 28.10 -26.71 -4.43
N ALA D 263 27.39 -26.08 -3.48
CA ALA D 263 28.00 -24.99 -2.71
C ALA D 263 29.12 -25.51 -1.82
N MET D 264 28.90 -26.63 -1.12
CA MET D 264 29.93 -27.15 -0.23
C MET D 264 31.20 -27.51 -1.00
N ALA D 265 31.05 -28.15 -2.17
CA ALA D 265 32.20 -28.48 -2.99
C ALA D 265 32.91 -27.23 -3.47
N ALA D 266 32.15 -26.26 -3.99
CA ALA D 266 32.79 -25.05 -4.50
C ALA D 266 33.58 -24.32 -3.42
N PHE D 267 33.13 -24.38 -2.17
CA PHE D 267 33.90 -23.78 -1.09
C PHE D 267 35.14 -24.61 -0.75
N LEU D 268 34.94 -25.90 -0.48
CA LEU D 268 36.02 -26.70 0.10
C LEU D 268 37.11 -27.01 -0.92
N VAL D 269 36.74 -27.44 -2.13
CA VAL D 269 37.75 -27.83 -3.11
C VAL D 269 38.59 -26.63 -3.54
N SER D 270 38.11 -25.41 -3.30
CA SER D 270 38.88 -24.24 -3.65
C SER D 270 39.74 -23.74 -2.48
N TRP D 271 39.22 -23.83 -1.25
CA TRP D 271 39.97 -23.26 -0.14
C TRP D 271 40.81 -24.26 0.65
N LEU D 272 40.69 -25.57 0.37
CA LEU D 272 41.48 -26.54 1.15
C LEU D 272 42.93 -26.66 0.69
N PRO D 273 43.23 -26.93 -0.58
CA PRO D 273 44.62 -27.32 -0.91
C PRO D 273 45.66 -26.28 -0.57
N TYR D 274 45.36 -24.99 -0.74
CA TYR D 274 46.35 -23.96 -0.46
C TYR D 274 46.74 -23.96 1.01
N ILE D 275 45.75 -23.95 1.91
CA ILE D 275 46.07 -23.85 3.33
C ILE D 275 46.68 -25.17 3.82
N ILE D 276 46.24 -26.30 3.26
CA ILE D 276 46.84 -27.58 3.63
C ILE D 276 48.32 -27.61 3.25
N ASP D 277 48.64 -27.18 2.03
CA ASP D 277 50.03 -27.14 1.60
C ASP D 277 50.85 -26.16 2.43
N ALA D 278 50.28 -25.00 2.75
CA ALA D 278 51.00 -24.03 3.56
C ALA D 278 51.31 -24.60 4.94
N VAL D 279 50.32 -25.27 5.56
CA VAL D 279 50.54 -25.86 6.88
C VAL D 279 51.59 -26.96 6.82
N ILE D 280 51.57 -27.80 5.81
CA ILE D 280 52.63 -28.80 5.78
C ILE D 280 53.98 -28.12 5.70
N ASP D 281 54.22 -27.28 4.70
CA ASP D 281 55.57 -26.73 4.61
C ASP D 281 56.01 -26.11 5.89
N ALA D 282 55.14 -25.39 6.55
CA ALA D 282 55.52 -24.77 7.79
C ALA D 282 55.91 -25.81 8.81
N TYR D 283 55.18 -26.90 8.93
CA TYR D 283 55.56 -27.89 9.94
C TYR D 283 56.91 -28.56 9.71
N MET D 284 57.19 -28.97 8.48
CA MET D 284 58.43 -29.63 8.07
C MET D 284 58.51 -29.75 6.55
N ASN D 285 59.64 -30.22 6.03
CA ASN D 285 59.74 -30.50 4.59
C ASN D 285 59.29 -29.45 3.59
N PHE D 286 59.85 -28.24 3.64
CA PHE D 286 59.37 -27.19 2.76
C PHE D 286 59.86 -27.28 1.34
N ILE D 287 59.35 -28.25 0.61
CA ILE D 287 59.71 -28.42 -0.77
C ILE D 287 59.36 -27.16 -1.55
N THR D 288 58.09 -26.82 -1.60
CA THR D 288 57.63 -25.58 -2.25
C THR D 288 58.21 -25.20 -3.61
N PRO D 289 58.00 -26.01 -4.61
CA PRO D 289 58.40 -25.67 -5.98
C PRO D 289 57.79 -24.36 -6.46
N ALA D 290 58.54 -23.62 -7.25
CA ALA D 290 58.06 -22.35 -7.72
C ALA D 290 56.83 -22.48 -8.55
N TYR D 291 56.77 -23.50 -9.41
CA TYR D 291 55.63 -23.69 -10.25
C TYR D 291 54.37 -24.25 -9.51
N VAL D 292 54.53 -24.74 -8.29
CA VAL D 292 53.38 -25.28 -7.58
C VAL D 292 52.63 -24.21 -6.78
N TYR D 293 53.28 -23.11 -6.45
CA TYR D 293 52.69 -22.10 -5.59
C TYR D 293 51.77 -21.13 -6.32
N GLU D 294 51.80 -21.11 -7.65
CA GLU D 294 50.95 -20.20 -8.40
C GLU D 294 49.53 -20.71 -8.53
N ILE D 295 49.35 -22.00 -8.82
CA ILE D 295 48.03 -22.58 -8.94
C ILE D 295 47.32 -22.58 -7.58
N LEU D 296 48.09 -22.73 -6.50
CA LEU D 296 47.50 -22.72 -5.17
C LEU D 296 46.81 -21.40 -4.87
N VAL D 297 47.43 -20.28 -5.23
CA VAL D 297 46.78 -18.99 -5.02
C VAL D 297 45.75 -18.71 -6.09
N TRP D 298 45.94 -19.25 -7.31
CA TRP D 298 44.95 -19.05 -8.36
C TRP D 298 43.64 -19.74 -8.04
N CYS D 299 43.67 -20.84 -7.29
CA CYS D 299 42.43 -21.49 -6.87
C CYS D 299 41.62 -20.58 -5.96
N VAL D 300 42.27 -20.01 -4.94
CA VAL D 300 41.58 -19.10 -4.04
C VAL D 300 41.13 -17.85 -4.76
N TYR D 301 41.88 -17.41 -5.77
CA TYR D 301 41.47 -16.26 -6.57
C TYR D 301 40.22 -16.60 -7.40
N TYR D 302 40.23 -17.75 -8.07
CA TYR D 302 39.16 -18.18 -8.94
C TYR D 302 37.91 -18.59 -8.17
N ASN D 303 38.02 -18.75 -6.85
CA ASN D 303 36.82 -18.96 -6.05
C ASN D 303 35.82 -17.82 -6.27
N SER D 304 36.29 -16.58 -6.31
CA SER D 304 35.40 -15.45 -6.55
C SER D 304 34.87 -15.41 -7.97
N ALA D 305 35.51 -16.13 -8.89
CA ALA D 305 35.01 -16.16 -10.27
C ALA D 305 33.68 -16.89 -10.37
N MET D 306 33.31 -17.67 -9.37
CA MET D 306 32.02 -18.34 -9.31
C MET D 306 31.27 -18.10 -8.02
N ASN D 307 31.86 -17.37 -7.06
CA ASN D 307 31.14 -17.05 -5.83
C ASN D 307 29.82 -16.33 -6.05
N PRO D 308 29.75 -15.43 -6.99
CA PRO D 308 28.53 -14.72 -7.26
C PRO D 308 27.79 -15.30 -8.41
N LEU D 309 27.91 -16.58 -8.64
CA LEU D 309 27.11 -17.39 -9.56
C LEU D 309 26.26 -18.42 -8.84
N ILE D 310 26.74 -18.93 -7.70
CA ILE D 310 26.00 -19.94 -6.95
C ILE D 310 24.83 -19.30 -6.21
N TYR D 311 25.07 -18.18 -5.53
CA TYR D 311 24.07 -17.58 -4.66
C TYR D 311 23.24 -16.50 -5.35
N ALA D 312 23.51 -16.19 -6.62
CA ALA D 312 22.70 -15.24 -7.35
C ALA D 312 22.01 -15.86 -8.56
N PHE D 313 22.77 -16.48 -9.46
CA PHE D 313 22.19 -16.98 -10.71
C PHE D 313 21.40 -18.26 -10.51
N PHE D 314 21.54 -18.93 -9.37
CA PHE D 314 20.79 -20.16 -9.11
C PHE D 314 19.29 -19.88 -9.04
N TYR D 315 18.91 -18.89 -8.24
CA TYR D 315 17.50 -18.65 -7.95
C TYR D 315 16.81 -17.93 -9.11
N PRO D 316 15.48 -18.08 -9.23
CA PRO D 316 14.81 -17.53 -10.42
C PRO D 316 14.67 -16.01 -10.42
N TRP D 317 14.36 -15.39 -9.28
CA TRP D 317 14.06 -13.96 -9.29
C TRP D 317 15.30 -13.14 -9.66
N PHE D 318 16.47 -13.52 -9.11
CA PHE D 318 17.71 -12.85 -9.49
C PHE D 318 17.99 -13.04 -10.98
N ARG D 319 17.74 -14.23 -11.50
CA ARG D 319 17.93 -14.48 -12.92
C ARG D 319 17.04 -13.58 -13.77
N LYS D 320 15.77 -13.42 -13.36
CA LYS D 320 14.86 -12.55 -14.10
C LYS D 320 15.30 -11.09 -14.05
N ALA D 321 15.75 -10.64 -12.88
CA ALA D 321 16.26 -9.27 -12.77
C ALA D 321 17.47 -9.06 -13.67
N ILE D 322 18.39 -10.03 -13.69
CA ILE D 322 19.57 -9.91 -14.54
C ILE D 322 19.18 -9.90 -16.01
N LYS D 323 18.21 -10.76 -16.39
CA LYS D 323 17.76 -10.78 -17.76
C LYS D 323 17.13 -9.45 -18.18
N LEU D 324 16.34 -8.86 -17.28
CA LEU D 324 15.75 -7.55 -17.59
C LEU D 324 16.81 -6.48 -17.73
N ILE D 325 17.81 -6.47 -16.84
CA ILE D 325 18.81 -5.41 -16.85
C ILE D 325 19.72 -5.54 -18.08
N VAL D 326 20.15 -6.76 -18.40
CA VAL D 326 20.96 -6.96 -19.60
C VAL D 326 20.19 -6.54 -20.84
N SER D 327 18.90 -6.89 -20.90
CA SER D 327 18.06 -6.48 -22.01
C SER D 327 17.70 -4.99 -21.88
N GLY D 328 16.82 -4.54 -22.76
CA GLY D 328 16.42 -3.15 -22.81
C GLY D 328 15.83 -2.62 -21.51
N VAL E 39 -9.28 25.57 20.77
CA VAL E 39 -8.08 26.25 20.32
C VAL E 39 -7.76 27.40 21.28
N GLN E 40 -6.66 27.28 22.01
CA GLN E 40 -6.27 28.31 22.96
C GLN E 40 -4.78 28.21 23.24
N LEU E 41 -4.04 29.27 22.95
CA LEU E 41 -2.61 29.35 23.20
C LEU E 41 -2.36 30.42 24.25
N VAL E 42 -1.69 30.07 25.34
CA VAL E 42 -1.45 31.00 26.44
C VAL E 42 0.04 31.04 26.74
N GLU E 43 0.57 32.26 26.90
CA GLU E 43 1.99 32.47 27.13
C GLU E 43 2.29 32.60 28.62
N SER E 44 3.55 32.34 28.97
CA SER E 44 4.03 32.45 30.34
C SER E 44 5.47 32.92 30.33
N GLY E 45 5.76 33.93 31.12
CA GLY E 45 7.07 34.54 31.21
C GLY E 45 6.99 36.04 30.99
N GLY E 46 8.15 36.67 30.89
CA GLY E 46 8.23 38.09 30.67
C GLY E 46 8.30 38.89 31.96
N GLY E 47 8.66 40.15 31.82
CA GLY E 47 8.83 41.05 32.95
C GLY E 47 10.02 41.95 32.73
N LEU E 48 10.42 42.62 33.80
CA LEU E 48 11.57 43.52 33.77
C LEU E 48 12.84 42.74 34.10
N VAL E 49 13.86 42.87 33.24
CA VAL E 49 15.10 42.15 33.42
C VAL E 49 16.28 43.11 33.29
N GLN E 50 17.42 42.67 33.83
CA GLN E 50 18.67 43.41 33.73
C GLN E 50 19.35 43.12 32.40
N PRO E 51 20.18 44.05 31.91
CA PRO E 51 20.93 43.78 30.68
C PRO E 51 21.90 42.63 30.87
N GLY E 52 22.07 41.83 29.82
CA GLY E 52 22.97 40.70 29.84
C GLY E 52 22.42 39.44 30.46
N GLY E 53 21.19 39.47 30.97
CA GLY E 53 20.60 38.31 31.60
C GLY E 53 20.01 37.34 30.60
N SER E 54 19.36 36.31 31.13
CA SER E 54 18.74 35.27 30.33
C SER E 54 17.32 35.02 30.83
N ARG E 55 16.46 34.56 29.93
CA ARG E 55 15.05 34.33 30.23
C ARG E 55 14.58 33.08 29.51
N LYS E 56 13.41 32.59 29.93
CA LYS E 56 12.77 31.45 29.29
C LYS E 56 11.27 31.72 29.23
N LEU E 57 10.71 31.69 28.02
CA LEU E 57 9.28 31.89 27.84
C LEU E 57 8.65 30.60 27.34
N SER E 58 7.41 30.33 27.79
CA SER E 58 6.73 29.09 27.48
C SER E 58 5.32 29.37 26.99
N CYS E 59 5.01 28.95 25.78
CA CYS E 59 3.67 29.02 25.22
C CYS E 59 3.04 27.62 25.29
N SER E 60 1.90 27.53 25.98
CA SER E 60 1.23 26.26 26.17
C SER E 60 -0.07 26.22 25.37
N ALA E 61 -0.34 25.06 24.77
CA ALA E 61 -1.45 24.85 23.87
C ALA E 61 -2.38 23.78 24.44
N SER E 62 -3.69 24.04 24.37
CA SER E 62 -4.67 23.11 24.91
C SER E 62 -5.99 23.33 24.19
N GLY E 63 -6.37 22.37 23.35
CA GLY E 63 -7.60 22.48 22.60
C GLY E 63 -7.50 22.03 21.16
N PHE E 64 -6.31 21.57 20.75
CA PHE E 64 -6.10 21.12 19.38
C PHE E 64 -4.93 20.15 19.35
N ALA E 65 -4.76 19.49 18.21
CA ALA E 65 -3.73 18.48 18.01
C ALA E 65 -2.39 19.19 17.79
N PHE E 66 -1.53 19.17 18.82
CA PHE E 66 -0.30 19.94 18.78
C PHE E 66 0.69 19.37 17.76
N SER E 67 0.81 18.05 17.69
CA SER E 67 1.93 17.44 16.97
C SER E 67 1.82 17.56 15.45
N SER E 68 0.70 18.04 14.93
CA SER E 68 0.55 18.21 13.49
C SER E 68 0.80 19.64 13.04
N PHE E 69 1.22 20.53 13.94
CA PHE E 69 1.31 21.96 13.66
C PHE E 69 2.74 22.44 13.82
N GLY E 70 3.21 23.24 12.86
CA GLY E 70 4.39 24.03 13.06
C GLY E 70 4.11 25.29 13.88
N MET E 71 5.15 25.82 14.51
CA MET E 71 4.98 26.96 15.40
C MET E 71 5.99 28.05 15.07
N HIS E 72 5.58 29.30 15.32
CA HIS E 72 6.42 30.48 15.16
C HIS E 72 6.32 31.33 16.41
N TRP E 73 7.31 32.19 16.60
CA TRP E 73 7.24 33.29 17.55
C TRP E 73 7.31 34.60 16.78
N VAL E 74 6.50 35.57 17.18
CA VAL E 74 6.48 36.88 16.53
C VAL E 74 6.44 37.95 17.62
N ARG E 75 7.28 38.97 17.47
CA ARG E 75 7.40 40.02 18.47
C ARG E 75 6.90 41.34 17.91
N GLN E 76 6.49 42.23 18.82
CA GLN E 76 6.05 43.57 18.47
C GLN E 76 6.67 44.57 19.42
N ALA E 77 7.21 45.65 18.87
CA ALA E 77 7.82 46.70 19.66
C ALA E 77 6.74 47.52 20.38
N PRO E 78 7.11 48.24 21.44
CA PRO E 78 6.11 49.02 22.18
C PRO E 78 5.35 50.03 21.33
N GLU E 79 5.96 50.54 20.25
CA GLU E 79 5.26 51.49 19.39
C GLU E 79 5.49 51.22 17.91
N LYS E 80 5.92 50.01 17.54
CA LYS E 80 6.22 49.71 16.14
C LYS E 80 5.48 48.46 15.68
N GLY E 81 5.83 47.95 14.50
CA GLY E 81 5.16 46.82 13.90
C GLY E 81 5.64 45.48 14.44
N LEU E 82 5.39 44.44 13.66
CA LEU E 82 5.68 43.07 14.03
C LEU E 82 6.90 42.55 13.27
N GLU E 83 7.65 41.66 13.91
CA GLU E 83 8.80 41.01 13.30
C GLU E 83 8.88 39.55 13.72
N TRP E 84 9.52 38.76 12.87
CA TRP E 84 9.61 37.32 13.04
C TRP E 84 10.87 36.95 13.83
N VAL E 85 10.76 35.92 14.67
CA VAL E 85 11.86 35.60 15.58
C VAL E 85 12.39 34.18 15.41
N ALA E 86 11.54 33.24 15.02
CA ALA E 86 11.95 31.83 15.01
C ALA E 86 10.94 31.00 14.24
N TYR E 87 11.28 29.72 14.05
CA TYR E 87 10.35 28.75 13.48
C TYR E 87 10.83 27.34 13.75
N ILE E 88 9.91 26.48 14.19
CA ILE E 88 10.16 25.07 14.45
C ILE E 88 9.07 24.26 13.76
N SER E 89 9.46 23.16 13.11
CA SER E 89 8.53 22.37 12.31
C SER E 89 7.87 21.30 13.17
N SER E 90 7.07 20.44 12.54
CA SER E 90 6.45 19.30 13.19
C SER E 90 7.39 18.10 13.08
N GLY E 91 7.76 17.54 14.22
CA GLY E 91 8.80 16.54 14.27
C GLY E 91 10.19 17.09 14.48
N SER E 92 10.32 18.41 14.60
CA SER E 92 11.61 19.08 14.89
C SER E 92 12.64 18.80 13.80
N GLY E 93 12.20 18.57 12.57
CA GLY E 93 13.10 18.29 11.48
C GLY E 93 13.57 19.47 10.68
N THR E 94 13.21 20.70 11.07
CA THR E 94 13.62 21.90 10.36
C THR E 94 13.40 23.10 11.25
N ILE E 95 14.44 23.91 11.43
CA ILE E 95 14.41 25.06 12.33
C ILE E 95 14.97 26.27 11.59
N TYR E 96 14.36 27.44 11.82
CA TYR E 96 14.88 28.69 11.29
C TYR E 96 14.91 29.75 12.38
N TYR E 97 15.83 30.70 12.23
CA TYR E 97 15.94 31.87 13.10
C TYR E 97 16.04 33.12 12.24
N ALA E 98 16.00 34.27 12.89
CA ALA E 98 16.14 35.55 12.22
C ALA E 98 17.62 35.92 12.11
N ASP E 99 17.95 36.66 11.04
CA ASP E 99 19.33 37.06 10.83
C ASP E 99 19.86 37.93 11.96
N THR E 100 18.97 38.63 12.66
CA THR E 100 19.38 39.47 13.78
C THR E 100 19.91 38.65 14.94
N VAL E 101 19.23 37.55 15.27
CA VAL E 101 19.48 36.83 16.52
C VAL E 101 19.82 35.39 16.13
N LYS E 102 20.56 35.25 15.02
CA LYS E 102 20.80 33.93 14.45
C LYS E 102 21.42 32.96 15.45
N GLY E 103 22.19 33.46 16.42
CA GLY E 103 22.84 32.57 17.36
C GLY E 103 22.72 32.95 18.82
N ARG E 104 21.57 33.50 19.24
CA ARG E 104 21.38 33.86 20.63
C ARG E 104 20.12 33.30 21.28
N PHE E 105 19.12 32.85 20.51
CA PHE E 105 17.91 32.27 21.07
C PHE E 105 17.82 30.79 20.68
N THR E 106 17.10 30.01 21.49
CA THR E 106 16.85 28.61 21.19
C THR E 106 15.36 28.31 21.38
N ILE E 107 14.85 27.39 20.56
CA ILE E 107 13.43 27.04 20.56
C ILE E 107 13.29 25.53 20.63
N SER E 108 12.40 25.03 21.50
CA SER E 108 12.16 23.60 21.57
C SER E 108 10.78 23.34 22.17
N ARG E 109 10.25 22.15 21.88
CA ARG E 109 8.89 21.78 22.24
C ARG E 109 8.88 20.46 22.99
N ASP E 110 7.78 20.21 23.70
CA ASP E 110 7.54 18.96 24.39
C ASP E 110 6.13 18.51 24.02
N ASP E 111 6.03 17.61 23.04
CA ASP E 111 4.73 17.06 22.66
C ASP E 111 4.12 16.23 23.78
N PRO E 112 4.82 15.32 24.40
CA PRO E 112 4.20 14.63 25.53
C PRO E 112 3.73 15.61 26.63
N LYS E 113 4.51 16.65 26.92
CA LYS E 113 4.06 17.66 27.88
C LYS E 113 3.11 18.66 27.24
N ASN E 114 3.05 18.71 25.91
CA ASN E 114 2.14 19.58 25.18
C ASN E 114 2.40 21.05 25.48
N THR E 115 3.63 21.49 25.19
CA THR E 115 3.97 22.90 25.39
C THR E 115 5.28 23.21 24.68
N LEU E 116 5.36 24.41 24.10
CA LEU E 116 6.55 24.87 23.39
C LEU E 116 7.19 26.02 24.17
N PHE E 117 8.48 26.23 23.98
CA PHE E 117 9.17 27.26 24.75
C PHE E 117 10.43 27.69 24.03
N LEU E 118 10.96 28.83 24.45
CA LEU E 118 12.24 29.32 23.96
C LEU E 118 13.07 29.88 25.11
N GLN E 119 14.38 29.78 24.94
CA GLN E 119 15.38 30.30 25.86
C GLN E 119 16.10 31.46 25.20
N MET E 120 16.28 32.54 25.95
CA MET E 120 16.75 33.82 25.45
C MET E 120 18.00 34.22 26.23
N THR E 121 19.07 34.54 25.51
CA THR E 121 20.35 34.86 26.12
C THR E 121 20.92 36.13 25.53
N SER E 122 21.73 36.83 26.32
CA SER E 122 22.41 38.06 25.91
C SER E 122 21.40 39.11 25.45
N LEU E 123 20.56 39.53 26.39
CA LEU E 123 19.45 40.45 26.09
C LEU E 123 20.00 41.83 25.76
N ARG E 124 19.83 42.25 24.51
CA ARG E 124 20.27 43.57 24.06
C ARG E 124 19.24 44.61 24.49
N SER E 125 19.38 45.84 23.98
CA SER E 125 18.39 46.87 24.24
C SER E 125 17.19 46.78 23.30
N GLU E 126 17.32 46.07 22.19
CA GLU E 126 16.21 45.86 21.28
C GLU E 126 15.30 44.71 21.72
N ASP E 127 15.76 43.87 22.64
CA ASP E 127 15.00 42.70 23.07
C ASP E 127 13.82 43.05 23.97
N THR E 128 13.45 44.31 24.08
CA THR E 128 12.25 44.72 24.80
C THR E 128 11.09 44.80 23.81
N ALA E 129 10.08 43.97 24.02
CA ALA E 129 8.96 43.86 23.08
C ALA E 129 7.86 43.07 23.79
N MET E 130 6.84 42.68 23.02
CA MET E 130 5.80 41.78 23.50
C MET E 130 5.60 40.70 22.46
N TYR E 131 5.54 39.45 22.91
CA TYR E 131 5.68 38.28 22.06
C TYR E 131 4.38 37.49 21.98
N TYR E 132 4.16 36.87 20.81
CA TYR E 132 3.07 35.95 20.57
C TYR E 132 3.64 34.65 20.00
N CYS E 133 2.95 33.54 20.27
CA CYS E 133 3.21 32.26 19.63
C CYS E 133 2.10 31.98 18.63
N VAL E 134 2.48 31.63 17.41
CA VAL E 134 1.53 31.43 16.32
C VAL E 134 1.66 30.00 15.84
N ARG E 135 0.55 29.43 15.38
CA ARG E 135 0.52 28.08 14.86
C ARG E 135 0.18 28.08 13.37
N SER E 136 0.70 27.09 12.66
CA SER E 136 0.42 26.98 11.23
C SER E 136 0.52 25.52 10.80
N ILE E 137 -0.08 25.23 9.66
CA ILE E 137 -0.08 23.88 9.09
C ILE E 137 0.07 24.00 7.58
N TYR E 138 0.83 23.08 6.99
CA TYR E 138 1.18 23.14 5.57
C TYR E 138 0.79 21.84 4.89
N TYR E 139 -0.27 21.89 4.09
CA TYR E 139 -0.55 20.88 3.08
C TYR E 139 -1.30 21.57 1.96
N TYR E 140 -1.80 20.79 0.99
CA TYR E 140 -2.49 21.39 -0.16
C TYR E 140 -3.78 22.04 0.30
N GLY E 141 -3.81 23.37 0.33
CA GLY E 141 -5.01 24.11 0.62
C GLY E 141 -5.20 24.56 2.05
N SER E 142 -4.21 24.37 2.91
CA SER E 142 -4.36 24.72 4.32
C SER E 142 -4.34 26.24 4.48
N SER E 143 -4.46 26.69 5.73
CA SER E 143 -4.45 28.11 6.07
C SER E 143 -3.43 28.35 7.18
N PRO E 144 -2.18 28.66 6.82
CA PRO E 144 -1.17 28.93 7.84
C PRO E 144 -1.42 30.25 8.56
N PHE E 145 -0.83 30.34 9.76
CA PHE E 145 -0.93 31.54 10.60
C PHE E 145 -2.37 31.86 10.96
N ASP E 146 -3.22 30.84 11.10
CA ASP E 146 -4.65 31.01 11.27
C ASP E 146 -5.06 31.26 12.72
N PHE E 147 -4.13 31.26 13.66
CA PHE E 147 -4.50 31.52 15.05
C PHE E 147 -3.29 32.11 15.78
N TRP E 148 -3.56 33.13 16.59
CA TRP E 148 -2.53 33.83 17.35
C TRP E 148 -2.81 33.72 18.84
N GLY E 149 -1.75 33.80 19.63
CA GLY E 149 -1.85 33.74 21.08
C GLY E 149 -2.18 35.09 21.68
N GLN E 150 -2.04 35.16 23.00
CA GLN E 150 -2.29 36.40 23.73
C GLN E 150 -1.04 37.27 23.83
N GLY E 151 0.11 36.65 24.07
CA GLY E 151 1.37 37.39 24.11
C GLY E 151 1.71 37.88 25.50
N THR E 152 3.02 37.97 25.76
CA THR E 152 3.52 38.44 27.04
C THR E 152 4.65 39.43 26.80
N THR E 153 4.84 40.34 27.75
CA THR E 153 5.76 41.46 27.59
C THR E 153 7.09 41.20 28.28
N LEU E 154 8.18 41.55 27.59
CA LEU E 154 9.53 41.44 28.12
C LEU E 154 10.21 42.80 27.95
N THR E 155 10.71 43.36 29.04
CA THR E 155 11.40 44.64 29.03
C THR E 155 12.80 44.49 29.60
N VAL E 156 13.77 45.13 28.96
CA VAL E 156 15.16 45.12 29.39
C VAL E 156 15.48 46.47 30.00
N SER E 157 16.10 46.46 31.18
CA SER E 157 16.43 47.68 31.88
C SER E 157 17.62 48.38 31.25
N ALA E 158 17.96 49.56 31.76
CA ALA E 158 19.08 50.33 31.25
C ALA E 158 20.31 50.15 32.13
N SER E 173 21.94 42.30 4.14
CA SER E 173 20.87 41.31 4.23
C SER E 173 19.88 41.46 3.07
N ALA E 174 19.81 40.43 2.23
CA ALA E 174 18.92 40.42 1.07
C ALA E 174 17.60 39.80 1.48
N ASP E 175 16.63 40.64 1.84
CA ASP E 175 15.30 40.19 2.21
C ASP E 175 14.27 41.07 1.53
N ILE E 176 13.08 40.51 1.31
CA ILE E 176 12.01 41.25 0.66
C ILE E 176 11.53 42.36 1.58
N VAL E 177 11.26 43.53 0.99
CA VAL E 177 10.83 44.71 1.73
C VAL E 177 9.40 45.04 1.31
N MET E 178 8.50 45.18 2.29
CA MET E 178 7.13 45.55 2.04
C MET E 178 6.94 47.02 2.39
N THR E 179 6.26 47.76 1.51
CA THR E 179 5.98 49.18 1.76
C THR E 179 4.47 49.39 1.83
N GLN E 180 4.02 49.94 2.95
CA GLN E 180 2.63 50.33 3.13
C GLN E 180 2.47 51.78 2.68
N ALA E 181 1.69 51.99 1.62
CA ALA E 181 1.65 53.29 0.96
C ALA E 181 1.14 54.38 1.90
N THR E 182 -0.11 54.27 2.34
CA THR E 182 -0.74 55.30 3.16
C THR E 182 -0.77 54.84 4.62
N SER E 183 -0.20 55.66 5.50
CA SER E 183 -0.08 55.32 6.92
C SER E 183 -1.31 55.72 7.73
N SER E 184 -2.31 56.35 7.11
CA SER E 184 -3.53 56.72 7.81
C SER E 184 -4.59 57.07 6.78
N VAL E 185 -5.81 56.58 6.99
CA VAL E 185 -6.91 56.80 6.05
C VAL E 185 -8.16 57.19 6.81
N PRO E 186 -8.80 58.31 6.46
CA PRO E 186 -10.06 58.69 7.13
C PRO E 186 -11.27 58.08 6.44
N VAL E 187 -12.14 57.44 7.22
CA VAL E 187 -13.27 56.69 6.68
C VAL E 187 -14.53 57.01 7.46
N THR E 188 -15.67 56.70 6.85
CA THR E 188 -16.99 56.85 7.43
C THR E 188 -17.79 55.59 7.15
N PRO E 189 -18.77 55.27 7.99
CA PRO E 189 -19.53 54.03 7.80
C PRO E 189 -20.23 53.98 6.45
N GLY E 190 -20.31 52.78 5.90
CA GLY E 190 -20.96 52.57 4.61
C GLY E 190 -20.25 53.15 3.40
N GLU E 191 -18.92 53.08 3.37
CA GLU E 191 -18.15 53.43 2.19
C GLU E 191 -17.04 52.41 2.00
N SER E 192 -16.25 52.59 0.95
CA SER E 192 -15.24 51.63 0.56
C SER E 192 -13.85 52.08 1.00
N VAL E 193 -13.02 51.10 1.34
CA VAL E 193 -11.61 51.31 1.70
C VAL E 193 -10.77 50.51 0.72
N SER E 194 -9.62 51.07 0.34
CA SER E 194 -8.80 50.57 -0.75
C SER E 194 -7.33 50.49 -0.35
N ILE E 195 -7.06 49.84 0.78
CA ILE E 195 -5.70 49.81 1.32
C ILE E 195 -4.76 49.15 0.31
N SER E 196 -3.54 49.67 0.21
CA SER E 196 -2.60 49.20 -0.79
C SER E 196 -1.28 48.81 -0.15
N CYS E 197 -0.50 48.05 -0.90
CA CYS E 197 0.81 47.60 -0.45
C CYS E 197 1.69 47.32 -1.66
N ARG E 198 2.98 47.56 -1.51
CA ARG E 198 3.95 47.36 -2.57
C ARG E 198 5.05 46.40 -2.12
N SER E 199 5.51 45.59 -3.06
CA SER E 199 6.47 44.52 -2.82
C SER E 199 7.73 44.75 -3.64
N SER E 200 8.89 44.44 -3.03
CA SER E 200 10.16 44.62 -3.72
C SER E 200 10.27 43.71 -4.93
N LYS E 201 9.83 42.46 -4.81
CA LYS E 201 9.88 41.49 -5.89
C LYS E 201 8.51 40.86 -6.08
N SER E 202 8.25 40.38 -7.29
CA SER E 202 7.00 39.68 -7.55
C SER E 202 6.90 38.44 -6.68
N LEU E 203 5.76 38.28 -6.01
CA LEU E 203 5.57 37.19 -5.06
C LEU E 203 4.97 35.94 -5.69
N LEU E 204 4.57 36.01 -6.96
CA LEU E 204 3.93 34.86 -7.60
C LEU E 204 4.97 33.84 -8.04
N HIS E 205 4.65 32.57 -7.84
CA HIS E 205 5.54 31.46 -8.16
C HIS E 205 5.19 30.87 -9.52
N SER E 206 5.97 29.88 -9.95
CA SER E 206 5.73 29.26 -11.25
C SER E 206 4.38 28.55 -11.29
N ASN E 207 4.02 27.85 -10.21
CA ASN E 207 2.74 27.16 -10.16
C ASN E 207 1.57 28.13 -10.23
N GLY E 208 1.64 29.22 -9.48
CA GLY E 208 0.58 30.21 -9.47
C GLY E 208 0.32 30.78 -8.09
N ASN E 209 0.91 30.17 -7.06
CA ASN E 209 0.69 30.62 -5.70
C ASN E 209 1.33 31.99 -5.48
N THR E 210 0.79 32.74 -4.52
CA THR E 210 1.16 34.14 -4.33
C THR E 210 1.85 34.43 -3.01
N TYR E 211 1.40 33.85 -1.91
CA TYR E 211 2.02 34.03 -0.60
C TYR E 211 1.99 35.50 -0.13
N LEU E 212 0.76 36.00 0.01
CA LEU E 212 0.53 37.29 0.65
C LEU E 212 -0.54 37.11 1.72
N TYR E 213 -0.30 37.67 2.91
CA TYR E 213 -1.20 37.51 4.04
C TYR E 213 -1.62 38.88 4.56
N TRP E 214 -2.88 38.99 4.97
CA TRP E 214 -3.44 40.22 5.52
C TRP E 214 -3.85 39.98 6.96
N PHE E 215 -3.37 40.83 7.88
CA PHE E 215 -3.69 40.73 9.28
C PHE E 215 -4.31 42.03 9.77
N LEU E 216 -5.23 41.96 10.73
CA LEU E 216 -5.92 43.11 11.28
C LEU E 216 -5.97 43.13 12.76
N GLN E 217 -5.25 44.02 13.39
CA GLN E 217 -5.08 44.07 14.83
C GLN E 217 -5.97 45.16 15.41
N ARG E 218 -6.87 44.77 16.31
CA ARG E 218 -7.71 45.71 17.04
C ARG E 218 -6.94 46.31 18.21
N PRO E 219 -7.37 47.48 18.70
CA PRO E 219 -6.75 48.03 19.92
C PRO E 219 -7.12 47.22 21.15
N GLY E 220 -6.18 46.43 21.66
CA GLY E 220 -6.41 45.58 22.81
C GLY E 220 -6.49 44.09 22.50
N GLN E 221 -6.24 43.68 21.25
CA GLN E 221 -6.32 42.28 20.87
C GLN E 221 -5.14 41.93 19.97
N SER E 222 -4.86 40.63 19.88
CA SER E 222 -3.84 40.12 18.97
C SER E 222 -4.33 40.17 17.54
N PRO E 223 -3.42 40.10 16.57
CA PRO E 223 -3.84 40.11 15.17
C PRO E 223 -4.68 38.89 14.82
N GLN E 224 -5.46 39.04 13.75
CA GLN E 224 -6.28 37.96 13.22
C GLN E 224 -6.09 37.86 11.72
N LEU E 225 -6.17 36.64 11.21
CA LEU E 225 -6.03 36.42 9.78
C LEU E 225 -7.31 36.81 9.06
N LEU E 226 -7.16 37.53 7.95
CA LEU E 226 -8.28 37.90 7.10
C LEU E 226 -8.19 37.26 5.72
N ILE E 227 -7.05 37.35 5.07
CA ILE E 227 -6.85 36.81 3.74
C ILE E 227 -5.48 36.14 3.69
N TYR E 228 -5.43 34.92 3.14
CA TYR E 228 -4.17 34.23 2.92
C TYR E 228 -4.02 33.94 1.43
N ARG E 229 -2.79 34.11 0.93
CA ARG E 229 -2.47 33.97 -0.50
C ARG E 229 -3.22 34.98 -1.35
N MET E 230 -3.52 36.14 -0.78
CA MET E 230 -3.94 37.35 -1.47
C MET E 230 -5.37 37.28 -1.99
N SER E 231 -5.99 36.11 -1.99
CA SER E 231 -7.32 36.00 -2.58
C SER E 231 -8.32 35.17 -1.78
N ASN E 232 -7.90 34.34 -0.84
CA ASN E 232 -8.80 33.42 -0.15
C ASN E 232 -9.26 34.03 1.16
N LEU E 233 -10.57 34.03 1.39
CA LEU E 233 -11.11 34.48 2.65
C LEU E 233 -10.72 33.53 3.78
N ALA E 234 -10.68 34.08 5.00
CA ALA E 234 -10.48 33.24 6.18
C ALA E 234 -11.78 32.52 6.50
N SER E 235 -11.80 31.83 7.64
CA SER E 235 -12.99 31.05 8.00
C SER E 235 -14.09 31.95 8.55
N GLY E 236 -13.82 32.63 9.66
CA GLY E 236 -14.85 33.39 10.35
C GLY E 236 -14.85 34.88 10.06
N VAL E 237 -14.57 35.25 8.82
CA VAL E 237 -14.59 36.66 8.43
C VAL E 237 -15.75 36.89 7.48
N PRO E 238 -16.40 38.06 7.53
CA PRO E 238 -17.52 38.33 6.62
C PRO E 238 -17.05 38.47 5.18
N ASP E 239 -18.02 38.40 4.28
CA ASP E 239 -17.73 38.52 2.84
C ASP E 239 -17.48 39.97 2.41
N ARG E 240 -17.47 40.92 3.35
CA ARG E 240 -17.20 42.32 2.99
C ARG E 240 -15.81 42.49 2.41
N PHE E 241 -14.82 41.86 3.01
CA PHE E 241 -13.43 42.05 2.61
C PHE E 241 -13.16 41.34 1.29
N SER E 242 -12.19 41.87 0.55
CA SER E 242 -11.67 41.20 -0.64
C SER E 242 -10.22 41.62 -0.84
N GLY E 243 -9.48 40.79 -1.55
CA GLY E 243 -8.08 41.07 -1.81
C GLY E 243 -7.72 40.73 -3.24
N SER E 244 -6.72 41.44 -3.75
CA SER E 244 -6.28 41.23 -5.12
C SER E 244 -4.85 41.73 -5.27
N GLY E 245 -4.26 41.44 -6.42
CA GLY E 245 -2.91 41.87 -6.69
C GLY E 245 -2.49 41.44 -8.07
N SER E 246 -1.27 41.85 -8.44
CA SER E 246 -0.70 41.49 -9.73
C SER E 246 0.78 41.12 -9.59
N GLY E 247 1.16 40.57 -8.45
CA GLY E 247 2.53 40.18 -8.20
C GLY E 247 3.30 41.13 -7.34
N THR E 248 3.11 42.42 -7.52
CA THR E 248 3.83 43.43 -6.76
C THR E 248 2.93 44.47 -6.10
N ALA E 249 1.85 44.87 -6.76
CA ALA E 249 0.91 45.85 -6.22
C ALA E 249 -0.30 45.12 -5.67
N PHE E 250 -0.47 45.14 -4.36
CA PHE E 250 -1.52 44.38 -3.69
C PHE E 250 -2.54 45.34 -3.09
N THR E 251 -3.81 44.93 -3.12
CA THR E 251 -4.90 45.79 -2.68
C THR E 251 -5.88 44.99 -1.82
N LEU E 252 -6.28 45.58 -0.70
CA LEU E 252 -7.34 45.06 0.15
C LEU E 252 -8.51 46.04 0.08
N THR E 253 -9.68 45.54 -0.31
CA THR E 253 -10.85 46.36 -0.59
C THR E 253 -11.98 45.97 0.34
N ILE E 254 -12.56 46.97 1.01
CA ILE E 254 -13.73 46.80 1.85
C ILE E 254 -14.88 47.60 1.24
N SER E 255 -16.05 46.97 1.12
CA SER E 255 -17.19 47.60 0.47
C SER E 255 -18.04 48.38 1.46
N ARG E 256 -18.53 47.71 2.50
CA ARG E 256 -19.31 48.34 3.56
C ARG E 256 -18.51 48.34 4.84
N LEU E 257 -18.61 49.42 5.62
CA LEU E 257 -17.81 49.61 6.82
C LEU E 257 -18.71 49.60 8.04
N GLU E 258 -18.27 48.90 9.08
CA GLU E 258 -18.98 48.83 10.36
C GLU E 258 -18.07 49.35 11.47
N ALA E 259 -18.53 49.22 12.71
CA ALA E 259 -17.82 49.77 13.85
C ALA E 259 -16.70 48.87 14.36
N GLU E 260 -16.61 47.63 13.88
CA GLU E 260 -15.58 46.70 14.34
C GLU E 260 -14.40 46.61 13.37
N ASP E 261 -14.35 47.48 12.37
CA ASP E 261 -13.24 47.51 11.41
C ASP E 261 -12.20 48.56 11.77
N VAL E 262 -11.99 48.81 13.05
CA VAL E 262 -11.07 49.84 13.53
C VAL E 262 -9.82 49.16 14.06
N GLY E 263 -8.68 49.51 13.50
CA GLY E 263 -7.42 48.92 13.94
C GLY E 263 -6.33 49.16 12.92
N VAL E 264 -5.28 48.35 13.03
CA VAL E 264 -4.10 48.45 12.18
C VAL E 264 -4.07 47.28 11.22
N TYR E 265 -3.70 47.54 9.98
CA TYR E 265 -3.67 46.55 8.91
C TYR E 265 -2.22 46.23 8.55
N TYR E 266 -1.85 44.96 8.61
CA TYR E 266 -0.50 44.52 8.29
C TYR E 266 -0.53 43.56 7.11
N CYS E 267 0.56 43.56 6.35
CA CYS E 267 0.77 42.59 5.28
C CYS E 267 1.84 41.59 5.71
N MET E 268 2.18 40.68 4.80
CA MET E 268 3.17 39.64 5.08
C MET E 268 3.46 38.87 3.81
N GLN E 269 4.64 38.28 3.76
CA GLN E 269 5.02 37.45 2.62
C GLN E 269 5.53 36.13 3.16
N HIS E 270 5.55 35.10 2.33
CA HIS E 270 6.00 33.78 2.75
C HIS E 270 6.83 33.09 1.68
N LEU E 271 7.33 33.82 0.68
CA LEU E 271 8.04 33.21 -0.43
C LEU E 271 9.42 32.70 0.00
N GLU E 272 10.26 33.61 0.51
CA GLU E 272 11.55 33.25 1.09
C GLU E 272 11.43 33.33 2.60
N TYR E 273 12.00 32.36 3.30
CA TYR E 273 11.62 32.15 4.69
C TYR E 273 11.89 33.33 5.61
N PRO E 274 13.02 34.05 5.53
CA PRO E 274 13.10 35.31 6.29
C PRO E 274 11.95 36.20 5.86
N LEU E 275 10.97 36.39 6.74
CA LEU E 275 9.69 36.97 6.37
C LEU E 275 9.44 38.24 7.18
N THR E 276 9.06 39.30 6.48
CA THR E 276 8.96 40.63 7.04
C THR E 276 7.53 41.13 6.95
N PHE E 277 7.07 41.79 8.01
CA PHE E 277 5.65 42.12 8.13
C PHE E 277 5.29 43.37 7.33
N GLY E 278 5.84 44.51 7.71
CA GLY E 278 5.43 45.77 7.12
C GLY E 278 5.01 46.78 8.17
N ALA E 279 5.04 48.07 7.80
CA ALA E 279 4.78 49.12 8.79
C ALA E 279 3.34 49.11 9.26
N GLY E 280 2.39 49.08 8.34
CA GLY E 280 0.98 49.02 8.67
C GLY E 280 0.22 50.21 8.12
N THR E 281 -1.07 50.24 8.47
CA THR E 281 -1.97 51.32 8.07
C THR E 281 -3.08 51.43 9.10
N LYS E 282 -3.30 52.63 9.63
CA LYS E 282 -4.25 52.85 10.71
C LYS E 282 -5.58 53.35 10.15
N LEU E 283 -6.68 52.82 10.69
CA LEU E 283 -8.03 53.19 10.30
C LEU E 283 -8.77 53.71 11.54
N GLU E 284 -9.44 54.85 11.39
CA GLU E 284 -10.15 55.47 12.50
C GLU E 284 -11.52 55.93 12.04
N LEU E 285 -12.46 55.93 12.97
CA LEU E 285 -13.83 56.37 12.70
C LEU E 285 -14.21 57.56 13.56
#